data_4DBM
#
_entry.id   4DBM
#
_cell.length_a   88.338
_cell.length_b   115.097
_cell.length_c   131.379
_cell.angle_alpha   90.00
_cell.angle_beta   90.00
_cell.angle_gamma   90.00
#
_symmetry.space_group_name_H-M   'P 21 21 21'
#
loop_
_entity.id
_entity.type
_entity.pdbx_description
1 polymer 'Soluble acetylcholine receptor'
2 branched alpha-D-mannopyranose-(1-3)-[alpha-D-mannopyranose-(1-6)]beta-D-mannopyranose-(1-4)-2-acetamido-2-deoxy-beta-D-glucopyranose-(1-4)-2-acetamido-2-deoxy-beta-D-glucopyranose
3 non-polymer 2-acetamido-2-deoxy-beta-D-glucopyranose
4 non-polymer (3-exo)-8,8-dimethyl-3-(4-{[(1-methyl-2-oxo-1,2-dihydroquinolin-4-yl)oxy]methyl}-1H-1,2,3-triazol-1-yl)-8-azoniabicyclo[3.2.1]octane
5 water water
#
_entity_poly.entity_id   1
_entity_poly.type   'polypeptide(L)'
_entity_poly.pdbx_seq_one_letter_code
;DYKDDDDKLHSQANLMRLKSDLFNRSPMYPGPTKDDPLTVTLGFTLQDIVKADSSTNEVDLVYYEQQRWKLNSLMWDPNE
YGNITDFRTSAADIWTPDITAYSSTRPVQVLSPQIAVVTHDGSVMFIPAQRLSFMCDPTGVDSEEGATCAVKFGSWVYSG
FEIDLKTDTDQVDLSSYYASSKYEILSATQTRQVQHYSCCPEPYIDVNLVVKFRERRAGNGFFRNLFDSR
;
_entity_poly.pdbx_strand_id   A,B,C,D,E
#
# COMPACT_ATOMS: atom_id res chain seq x y z
N ASP A 6 -23.53 -24.98 -25.23
CA ASP A 6 -24.14 -23.82 -25.87
C ASP A 6 -23.24 -23.23 -26.95
N ASP A 7 -23.78 -22.30 -27.73
CA ASP A 7 -22.96 -21.43 -28.55
C ASP A 7 -22.31 -20.38 -27.64
N LYS A 8 -23.00 -20.04 -26.55
CA LYS A 8 -22.45 -19.16 -25.51
C LYS A 8 -21.27 -19.83 -24.81
N LEU A 9 -21.26 -21.16 -24.81
CA LEU A 9 -20.17 -21.93 -24.23
C LEU A 9 -18.96 -21.92 -25.17
N HIS A 10 -19.23 -22.05 -26.47
CA HIS A 10 -18.19 -21.97 -27.49
C HIS A 10 -17.57 -20.58 -27.55
N SER A 11 -18.39 -19.56 -27.28
CA SER A 11 -17.90 -18.19 -27.22
C SER A 11 -16.80 -18.08 -26.18
N GLN A 12 -17.04 -18.64 -24.99
CA GLN A 12 -16.05 -18.59 -23.91
C GLN A 12 -14.78 -19.37 -24.28
N ALA A 13 -14.94 -20.49 -24.98
CA ALA A 13 -13.80 -21.31 -25.33
C ALA A 13 -12.93 -20.58 -26.34
N ASN A 14 -13.57 -19.98 -27.34
CA ASN A 14 -12.84 -19.18 -28.31
C ASN A 14 -12.06 -18.04 -27.66
N LEU A 15 -12.75 -17.24 -26.86
CA LEU A 15 -12.11 -16.11 -26.21
C LEU A 15 -10.90 -16.58 -25.42
N MET A 16 -11.10 -17.63 -24.63
CA MET A 16 -10.02 -18.19 -23.83
C MET A 16 -8.92 -18.71 -24.74
N ARG A 17 -9.29 -19.43 -25.77
CA ARG A 17 -8.32 -19.91 -26.75
C ARG A 17 -7.52 -18.74 -27.32
N LEU A 18 -8.21 -17.67 -27.70
CA LEU A 18 -7.55 -16.46 -28.21
C LEU A 18 -6.55 -15.87 -27.22
N LYS A 19 -7.02 -15.61 -25.99
CA LYS A 19 -6.19 -14.95 -25.00
C LYS A 19 -4.92 -15.76 -24.70
N SER A 20 -5.07 -17.09 -24.61
CA SER A 20 -3.92 -17.98 -24.39
C SER A 20 -2.94 -17.92 -25.56
N ASP A 21 -3.45 -18.12 -26.77
CA ASP A 21 -2.60 -18.05 -27.94
C ASP A 21 -1.82 -16.74 -28.01
N LEU A 22 -2.48 -15.65 -27.64
CA LEU A 22 -1.84 -14.32 -27.66
C LEU A 22 -0.85 -14.15 -26.52
N PHE A 23 -1.33 -14.35 -25.30
CA PHE A 23 -0.57 -14.01 -24.09
C PHE A 23 0.49 -15.03 -23.63
N ASN A 24 0.09 -16.29 -23.56
CA ASN A 24 1.01 -17.38 -23.22
C ASN A 24 2.09 -17.58 -24.28
N ARG A 25 1.69 -17.53 -25.54
CA ARG A 25 2.58 -17.80 -26.66
C ARG A 25 3.62 -16.71 -26.89
N SER A 26 4.86 -17.13 -27.11
CA SER A 26 5.94 -16.23 -27.48
C SER A 26 6.54 -15.54 -26.26
N PRO A 27 7.60 -14.78 -26.48
CA PRO A 27 8.22 -13.97 -25.44
C PRO A 27 7.39 -12.74 -25.09
N MET A 28 7.39 -12.34 -23.83
CA MET A 28 6.82 -11.06 -23.42
C MET A 28 7.33 -9.93 -24.29
N TYR A 29 6.42 -9.15 -24.85
CA TYR A 29 6.77 -7.95 -25.62
C TYR A 29 7.82 -7.12 -24.91
N PRO A 30 8.97 -6.95 -25.54
CA PRO A 30 10.10 -6.26 -24.94
C PRO A 30 9.89 -4.74 -24.81
N GLY A 31 8.87 -4.20 -25.47
CA GLY A 31 8.68 -2.76 -25.46
C GLY A 31 9.23 -2.19 -26.75
N PRO A 32 8.98 -0.91 -27.02
CA PRO A 32 9.37 -0.38 -28.34
C PRO A 32 10.87 -0.17 -28.39
N THR A 33 11.44 -0.14 -29.60
CA THR A 33 12.83 0.23 -29.77
C THR A 33 12.99 1.22 -30.92
N LYS A 34 14.21 1.69 -31.11
CA LYS A 34 14.53 2.55 -32.25
C LYS A 34 14.15 1.84 -33.55
N ASP A 35 14.38 0.52 -33.59
CA ASP A 35 14.06 -0.26 -34.78
C ASP A 35 12.56 -0.52 -34.90
N ASP A 36 11.90 -0.63 -33.76
CA ASP A 36 10.48 -0.93 -33.75
C ASP A 36 9.76 0.11 -32.90
N PRO A 37 9.69 1.36 -33.40
CA PRO A 37 9.11 2.46 -32.62
C PRO A 37 7.60 2.39 -32.55
N LEU A 38 7.03 3.12 -31.59
CA LEU A 38 5.60 3.08 -31.34
C LEU A 38 5.04 4.48 -31.26
N THR A 39 3.82 4.69 -31.73
CA THR A 39 3.15 5.96 -31.50
C THR A 39 2.01 5.79 -30.52
N VAL A 40 2.03 6.56 -29.44
CA VAL A 40 0.94 6.56 -28.50
C VAL A 40 0.06 7.79 -28.70
N THR A 41 -1.23 7.59 -28.89
CA THR A 41 -2.16 8.70 -28.97
C THR A 41 -2.73 8.96 -27.59
N LEU A 42 -2.85 10.24 -27.26
CA LEU A 42 -3.18 10.68 -25.93
C LEU A 42 -4.21 11.79 -25.96
N GLY A 43 -5.21 11.71 -25.08
CA GLY A 43 -6.10 12.84 -24.88
C GLY A 43 -6.65 12.85 -23.46
N PHE A 44 -7.02 14.04 -22.99
CA PHE A 44 -7.45 14.26 -21.62
C PHE A 44 -8.88 14.71 -21.53
N THR A 45 -9.62 14.12 -20.62
CA THR A 45 -10.95 14.59 -20.28
C THR A 45 -10.88 15.09 -18.85
N LEU A 46 -11.05 16.39 -18.67
CA LEU A 46 -10.88 16.96 -17.34
C LEU A 46 -12.20 16.96 -16.56
N GLN A 47 -12.26 16.20 -15.48
CA GLN A 47 -13.46 16.23 -14.63
C GLN A 47 -13.53 17.33 -13.58
N ASP A 48 -12.43 17.57 -12.87
CA ASP A 48 -12.51 18.50 -11.75
C ASP A 48 -11.16 19.11 -11.42
N ILE A 49 -11.18 20.38 -10.96
CA ILE A 49 -10.05 20.90 -10.21
C ILE A 49 -10.53 20.84 -8.76
N VAL A 50 -9.96 19.92 -8.00
CA VAL A 50 -10.48 19.62 -6.67
C VAL A 50 -10.03 20.64 -5.66
N LYS A 51 -8.74 20.94 -5.71
CA LYS A 51 -8.10 21.79 -4.70
C LYS A 51 -6.96 22.61 -5.31
N ALA A 52 -6.83 23.85 -4.84
CA ALA A 52 -5.67 24.66 -5.20
C ALA A 52 -5.06 25.21 -3.92
N ASP A 53 -3.84 24.75 -3.61
CA ASP A 53 -3.19 25.09 -2.36
C ASP A 53 -2.17 26.18 -2.64
N SER A 54 -2.45 27.39 -2.13
CA SER A 54 -1.58 28.53 -2.39
C SER A 54 -0.43 28.57 -1.38
N SER A 55 -0.50 27.76 -0.34
CA SER A 55 0.61 27.68 0.60
C SER A 55 1.76 26.76 0.13
N THR A 56 1.42 25.69 -0.58
CA THR A 56 2.44 24.89 -1.24
C THR A 56 2.60 25.03 -2.77
N ASN A 57 1.74 25.79 -3.42
CA ASN A 57 1.70 25.79 -4.87
C ASN A 57 1.55 24.39 -5.48
N GLU A 58 0.53 23.68 -5.02
CA GLU A 58 0.14 22.41 -5.60
C GLU A 58 -1.32 22.55 -5.98
N VAL A 59 -1.70 21.93 -7.10
CA VAL A 59 -3.09 21.86 -7.52
C VAL A 59 -3.47 20.39 -7.77
N ASP A 60 -4.69 20.01 -7.42
CA ASP A 60 -5.14 18.63 -7.57
C ASP A 60 -6.18 18.50 -8.66
N LEU A 61 -5.90 17.66 -9.65
CA LEU A 61 -6.82 17.43 -10.76
C LEU A 61 -7.41 16.03 -10.74
N VAL A 62 -8.69 15.93 -11.09
CA VAL A 62 -9.29 14.65 -11.48
C VAL A 62 -9.62 14.65 -12.98
N TYR A 63 -9.11 13.65 -13.69
CA TYR A 63 -9.28 13.56 -15.12
C TYR A 63 -9.12 12.11 -15.51
N TYR A 64 -9.57 11.76 -16.70
CA TYR A 64 -9.14 10.50 -17.27
C TYR A 64 -8.40 10.69 -18.57
N GLU A 65 -7.42 9.82 -18.81
CA GLU A 65 -6.66 9.86 -20.04
C GLU A 65 -7.17 8.80 -20.96
N GLN A 66 -7.19 9.12 -22.24
CA GLN A 66 -7.37 8.10 -23.25
C GLN A 66 -6.00 7.82 -23.88
N GLN A 67 -5.56 6.56 -23.77
CA GLN A 67 -4.30 6.14 -24.41
C GLN A 67 -4.62 5.12 -25.49
N ARG A 68 -4.00 5.28 -26.65
CA ARG A 68 -4.13 4.27 -27.69
C ARG A 68 -2.78 4.02 -28.33
N TRP A 69 -2.53 2.76 -28.63
CA TRP A 69 -1.37 2.37 -29.41
C TRP A 69 -1.71 1.08 -30.14
N LYS A 70 -0.78 0.59 -30.94
CA LYS A 70 -1.02 -0.60 -31.73
C LYS A 70 0.22 -1.48 -31.83
N LEU A 71 0.03 -2.78 -31.61
CA LEU A 71 1.14 -3.73 -31.70
C LEU A 71 0.79 -4.89 -32.64
N ASN A 72 1.70 -5.20 -33.56
CA ASN A 72 1.50 -6.37 -34.42
C ASN A 72 1.34 -7.67 -33.62
N SER A 73 2.00 -7.76 -32.48
CA SER A 73 1.97 -8.99 -31.68
C SER A 73 0.61 -9.24 -31.01
N LEU A 74 -0.26 -8.25 -31.06
CA LEU A 74 -1.64 -8.40 -30.58
C LEU A 74 -2.67 -8.68 -31.69
N MET A 75 -2.21 -8.78 -32.94
CA MET A 75 -3.12 -9.03 -34.05
C MET A 75 -3.65 -10.47 -34.05
N TRP A 76 -4.90 -10.63 -34.51
CA TRP A 76 -5.45 -11.93 -34.81
C TRP A 76 -6.52 -11.84 -35.89
N ASP A 77 -6.76 -12.97 -36.57
CA ASP A 77 -7.85 -13.06 -37.54
C ASP A 77 -9.12 -13.53 -36.85
N PRO A 78 -10.14 -12.67 -36.83
CA PRO A 78 -11.42 -13.04 -36.19
C PRO A 78 -11.95 -14.40 -36.68
N ASN A 79 -11.75 -14.75 -37.95
CA ASN A 79 -12.26 -16.01 -38.50
C ASN A 79 -11.68 -17.19 -37.74
N GLU A 80 -10.38 -17.12 -37.48
CA GLU A 80 -9.66 -18.13 -36.70
C GLU A 80 -10.28 -18.29 -35.32
N TYR A 81 -10.72 -17.18 -34.75
CA TYR A 81 -11.21 -17.12 -33.37
C TYR A 81 -12.71 -16.95 -33.14
N GLY A 82 -13.54 -17.53 -34.00
CA GLY A 82 -14.98 -17.45 -33.85
C GLY A 82 -15.56 -16.06 -34.04
N ASN A 83 -14.86 -15.29 -34.87
CA ASN A 83 -15.25 -13.92 -35.19
C ASN A 83 -15.32 -12.97 -33.99
N ILE A 84 -14.41 -13.15 -33.03
CA ILE A 84 -14.31 -12.20 -31.95
C ILE A 84 -13.41 -11.10 -32.49
N THR A 85 -13.93 -9.89 -32.51
CA THR A 85 -13.19 -8.73 -32.99
C THR A 85 -12.37 -8.00 -31.91
N ASP A 86 -12.70 -8.24 -30.65
CA ASP A 86 -11.99 -7.58 -29.58
C ASP A 86 -12.33 -8.20 -28.24
N PHE A 87 -11.63 -7.74 -27.20
CA PHE A 87 -11.93 -8.21 -25.86
C PHE A 87 -11.41 -7.27 -24.77
N ARG A 88 -11.96 -7.40 -23.56
CA ARG A 88 -11.40 -6.73 -22.39
C ARG A 88 -10.35 -7.62 -21.76
N THR A 89 -9.29 -7.01 -21.24
CA THR A 89 -8.25 -7.76 -20.55
C THR A 89 -7.61 -6.89 -19.48
N SER A 90 -7.12 -7.54 -18.42
CA SER A 90 -6.39 -6.84 -17.37
C SER A 90 -5.16 -6.15 -17.95
N ALA A 91 -4.89 -4.92 -17.49
CA ALA A 91 -3.74 -4.16 -17.96
C ALA A 91 -2.41 -4.82 -17.61
N ALA A 92 -2.43 -5.70 -16.60
CA ALA A 92 -1.24 -6.46 -16.24
C ALA A 92 -0.90 -7.53 -17.26
N ASP A 93 -1.87 -7.95 -18.06
CA ASP A 93 -1.65 -8.97 -19.09
C ASP A 93 -0.89 -8.44 -20.32
N ILE A 94 -0.77 -7.13 -20.44
CA ILE A 94 -0.16 -6.56 -21.64
C ILE A 94 0.87 -5.51 -21.30
N TRP A 95 1.67 -5.16 -22.29
CA TRP A 95 2.55 -4.01 -22.15
C TRP A 95 1.70 -2.75 -22.20
N THR A 96 1.96 -1.81 -21.29
CA THR A 96 1.34 -0.49 -21.39
C THR A 96 2.41 0.59 -21.37
N PRO A 97 2.10 1.75 -21.95
CA PRO A 97 3.11 2.81 -21.99
C PRO A 97 3.29 3.50 -20.63
N ASP A 98 4.48 4.03 -20.44
CA ASP A 98 4.96 4.65 -19.19
C ASP A 98 4.61 6.16 -19.04
N ILE A 99 3.58 6.60 -19.75
CA ILE A 99 3.22 8.01 -19.71
C ILE A 99 3.11 8.51 -18.27
N THR A 100 3.80 9.62 -18.00
CA THR A 100 4.03 10.11 -16.65
C THR A 100 3.96 11.63 -16.64
N ALA A 101 3.33 12.20 -15.61
CA ALA A 101 3.37 13.65 -15.44
C ALA A 101 4.80 14.01 -15.00
N TYR A 102 5.33 15.09 -15.56
CA TYR A 102 6.73 15.44 -15.34
C TYR A 102 6.88 16.34 -14.12
N SER A 103 5.76 16.82 -13.58
CA SER A 103 5.79 17.89 -12.60
C SER A 103 4.84 17.59 -11.43
N SER A 104 4.61 16.31 -11.20
CA SER A 104 3.77 15.87 -10.08
C SER A 104 4.48 16.06 -8.75
N THR A 105 3.71 16.32 -7.70
CA THR A 105 4.24 16.32 -6.32
C THR A 105 3.89 15.11 -5.43
N ARG A 106 3.04 14.22 -5.93
N ARG A 106 3.05 14.22 -5.94
CA ARG A 106 2.57 13.06 -5.18
CA ARG A 106 2.54 13.07 -5.18
C ARG A 106 2.36 11.94 -6.16
C ARG A 106 2.35 11.94 -6.16
N PRO A 107 2.44 10.69 -5.69
CA PRO A 107 2.13 9.58 -6.59
C PRO A 107 0.71 9.75 -7.07
N VAL A 108 0.49 9.49 -8.36
CA VAL A 108 -0.83 9.54 -8.93
C VAL A 108 -1.71 8.49 -8.25
N GLN A 109 -2.96 8.85 -7.97
CA GLN A 109 -3.93 7.90 -7.45
C GLN A 109 -4.89 7.43 -8.54
N VAL A 110 -5.00 6.11 -8.67
CA VAL A 110 -5.75 5.46 -9.74
C VAL A 110 -7.22 5.35 -9.36
N LEU A 111 -8.08 5.98 -10.15
CA LEU A 111 -9.51 5.99 -9.82
C LEU A 111 -10.35 4.96 -10.57
N SER A 112 -9.74 4.22 -11.49
CA SER A 112 -10.52 3.35 -12.37
C SER A 112 -9.85 2.00 -12.50
N PRO A 113 -10.64 0.96 -12.81
CA PRO A 113 -10.16 -0.42 -12.89
C PRO A 113 -9.09 -0.48 -13.97
N GLN A 114 -7.99 -1.21 -13.78
CA GLN A 114 -7.02 -1.15 -14.85
C GLN A 114 -7.38 -2.31 -15.77
N ILE A 115 -8.05 -1.96 -16.85
CA ILE A 115 -8.51 -2.96 -17.79
C ILE A 115 -8.51 -2.23 -19.10
N ALA A 116 -8.05 -2.90 -20.14
CA ALA A 116 -7.91 -2.25 -21.42
C ALA A 116 -8.71 -3.06 -22.42
N VAL A 117 -8.98 -2.44 -23.57
CA VAL A 117 -9.64 -3.13 -24.64
C VAL A 117 -8.68 -3.31 -25.80
N VAL A 118 -8.51 -4.56 -26.22
CA VAL A 118 -7.65 -4.91 -27.36
C VAL A 118 -8.54 -5.33 -28.53
N THR A 119 -8.21 -4.88 -29.73
CA THR A 119 -8.98 -5.25 -30.91
C THR A 119 -8.11 -6.04 -31.89
N HIS A 120 -8.75 -6.82 -32.75
CA HIS A 120 -8.06 -7.80 -33.59
C HIS A 120 -6.95 -7.21 -34.48
N ASP A 121 -6.96 -5.88 -34.65
CA ASP A 121 -5.92 -5.23 -35.46
C ASP A 121 -4.69 -4.87 -34.63
N GLY A 122 -4.67 -5.29 -33.36
CA GLY A 122 -3.52 -5.06 -32.51
C GLY A 122 -3.60 -3.74 -31.76
N SER A 123 -4.69 -3.01 -31.99
CA SER A 123 -4.97 -1.76 -31.33
C SER A 123 -5.36 -1.98 -29.86
N VAL A 124 -4.85 -1.12 -28.99
CA VAL A 124 -5.24 -1.17 -27.57
C VAL A 124 -5.78 0.17 -27.17
N MET A 125 -6.88 0.18 -26.43
CA MET A 125 -7.34 1.43 -25.85
C MET A 125 -7.38 1.26 -24.33
N PHE A 126 -6.89 2.26 -23.61
CA PHE A 126 -6.81 2.19 -22.16
C PHE A 126 -7.18 3.56 -21.59
N ILE A 127 -8.08 3.57 -20.61
CA ILE A 127 -8.67 4.82 -20.11
C ILE A 127 -8.51 5.02 -18.59
N PRO A 128 -7.28 5.21 -18.11
CA PRO A 128 -7.09 5.39 -16.66
C PRO A 128 -7.61 6.74 -16.14
N ALA A 129 -8.38 6.70 -15.06
CA ALA A 129 -8.78 7.91 -14.35
C ALA A 129 -7.81 8.11 -13.18
N GLN A 130 -7.43 9.36 -12.93
CA GLN A 130 -6.39 9.65 -11.96
C GLN A 130 -6.78 10.87 -11.12
N ARG A 131 -6.33 10.90 -9.87
CA ARG A 131 -6.20 12.18 -9.19
C ARG A 131 -4.73 12.52 -9.09
N LEU A 132 -4.38 13.72 -9.55
CA LEU A 132 -2.98 14.13 -9.66
C LEU A 132 -2.73 15.44 -8.93
N SER A 133 -1.73 15.47 -8.06
CA SER A 133 -1.20 16.73 -7.50
C SER A 133 0.01 17.13 -8.32
N PHE A 134 0.07 18.40 -8.75
CA PHE A 134 1.21 18.87 -9.56
C PHE A 134 1.57 20.32 -9.23
N MET A 135 2.74 20.77 -9.68
CA MET A 135 3.26 22.07 -9.23
C MET A 135 2.48 23.11 -9.99
N CYS A 136 1.73 23.92 -9.27
CA CYS A 136 0.99 25.00 -9.89
C CYS A 136 0.87 26.17 -8.92
N ASP A 137 1.15 27.38 -9.40
CA ASP A 137 0.97 28.60 -8.60
C ASP A 137 -0.41 29.13 -8.97
N PRO A 138 -1.36 29.02 -8.05
CA PRO A 138 -2.76 29.36 -8.32
C PRO A 138 -3.04 30.85 -8.20
N THR A 139 -1.99 31.63 -7.90
CA THR A 139 -2.13 33.06 -7.76
C THR A 139 -2.91 33.68 -8.92
N GLY A 140 -3.91 34.47 -8.58
CA GLY A 140 -4.78 35.11 -9.56
C GLY A 140 -6.06 34.33 -9.80
N VAL A 141 -6.26 33.27 -9.03
CA VAL A 141 -7.42 32.40 -9.25
C VAL A 141 -8.69 33.13 -8.81
N ASP A 142 -8.51 34.04 -7.85
CA ASP A 142 -9.61 34.84 -7.32
C ASP A 142 -9.78 36.12 -8.13
N SER A 143 -9.02 36.24 -9.21
CA SER A 143 -9.19 37.36 -10.12
C SER A 143 -10.06 36.97 -11.31
N GLU A 144 -10.27 37.95 -12.18
CA GLU A 144 -11.14 37.83 -13.34
C GLU A 144 -10.41 37.08 -14.46
N GLU A 145 -9.10 37.28 -14.55
CA GLU A 145 -8.28 36.61 -15.55
C GLU A 145 -7.89 35.20 -15.12
N GLY A 146 -8.02 34.91 -13.83
CA GLY A 146 -7.79 33.57 -13.31
C GLY A 146 -6.33 33.21 -13.15
N ALA A 147 -6.10 31.91 -12.96
CA ALA A 147 -4.76 31.38 -12.82
C ALA A 147 -4.45 30.52 -14.04
N THR A 148 -3.18 30.40 -14.37
CA THR A 148 -2.78 29.49 -15.44
C THR A 148 -1.74 28.53 -14.91
N CYS A 149 -1.97 27.25 -15.13
CA CYS A 149 -0.95 26.26 -14.81
C CYS A 149 -0.77 25.27 -15.94
N ALA A 150 0.34 24.55 -15.93
CA ALA A 150 0.69 23.67 -17.01
C ALA A 150 1.41 22.43 -16.47
N VAL A 151 1.16 21.28 -17.07
CA VAL A 151 1.94 20.09 -16.71
C VAL A 151 2.18 19.23 -17.94
N LYS A 152 3.43 18.83 -18.16
CA LYS A 152 3.80 17.90 -19.25
C LYS A 152 3.59 16.44 -18.88
N PHE A 153 3.10 15.67 -19.85
CA PHE A 153 3.00 14.22 -19.73
C PHE A 153 3.81 13.57 -20.82
N GLY A 154 4.47 12.47 -20.51
CA GLY A 154 5.16 11.73 -21.53
C GLY A 154 5.89 10.55 -20.95
N SER A 155 6.52 9.76 -21.81
CA SER A 155 7.33 8.63 -21.36
C SER A 155 8.46 9.11 -20.44
N TRP A 156 8.71 8.36 -19.37
CA TRP A 156 9.84 8.66 -18.52
C TRP A 156 11.14 8.18 -19.16
N VAL A 157 11.13 6.93 -19.64
CA VAL A 157 12.35 6.29 -20.15
C VAL A 157 12.59 6.19 -21.67
N TYR A 158 11.63 6.60 -22.48
CA TYR A 158 11.76 6.42 -23.92
C TYR A 158 11.79 7.73 -24.64
N SER A 159 12.81 7.91 -25.48
CA SER A 159 12.94 9.11 -26.30
C SER A 159 11.93 9.08 -27.45
N GLY A 160 11.93 10.16 -28.24
CA GLY A 160 11.07 10.27 -29.40
C GLY A 160 11.35 9.19 -30.45
N PHE A 161 12.54 8.59 -30.39
CA PHE A 161 12.91 7.52 -31.32
C PHE A 161 12.24 6.18 -31.01
N GLU A 162 11.76 6.03 -29.79
CA GLU A 162 11.08 4.81 -29.35
C GLU A 162 9.59 5.03 -29.23
N ILE A 163 9.21 6.00 -28.42
CA ILE A 163 7.81 6.36 -28.30
C ILE A 163 7.52 7.76 -28.85
N ASP A 164 6.60 7.84 -29.81
CA ASP A 164 6.16 9.14 -30.31
C ASP A 164 4.77 9.36 -29.75
N LEU A 165 4.44 10.61 -29.45
CA LEU A 165 3.11 10.93 -28.93
C LEU A 165 2.32 11.67 -29.99
N LYS A 166 1.03 11.43 -30.06
CA LYS A 166 0.14 12.26 -30.86
C LYS A 166 -1.18 12.54 -30.16
N THR A 167 -1.77 13.71 -30.41
CA THR A 167 -3.09 14.02 -29.92
C THR A 167 -4.07 14.00 -31.10
N ASP A 168 -5.29 13.58 -30.83
CA ASP A 168 -6.38 13.74 -31.79
C ASP A 168 -6.74 15.21 -31.94
N THR A 169 -6.96 15.88 -30.82
CA THR A 169 -7.23 17.30 -30.84
C THR A 169 -6.36 18.00 -29.82
N ASP A 170 -6.18 19.31 -29.99
CA ASP A 170 -5.47 20.07 -28.97
C ASP A 170 -6.41 20.64 -27.91
N GLN A 171 -7.72 20.42 -28.09
CA GLN A 171 -8.66 20.81 -27.06
C GLN A 171 -8.84 19.68 -26.03
N VAL A 172 -8.61 20.01 -24.78
CA VAL A 172 -8.98 19.12 -23.69
C VAL A 172 -10.49 18.98 -23.67
N ASP A 173 -10.99 17.77 -23.44
CA ASP A 173 -12.43 17.57 -23.42
C ASP A 173 -12.97 18.04 -22.07
N LEU A 174 -13.76 19.11 -22.12
CA LEU A 174 -14.45 19.66 -20.94
C LEU A 174 -15.92 19.27 -20.81
N SER A 175 -16.43 18.45 -21.72
CA SER A 175 -17.86 18.16 -21.73
C SER A 175 -18.32 17.48 -20.43
N SER A 176 -17.40 16.76 -19.79
CA SER A 176 -17.67 16.13 -18.50
C SER A 176 -17.23 16.91 -17.26
N TYR A 177 -16.76 18.14 -17.45
CA TYR A 177 -16.32 18.96 -16.30
C TYR A 177 -17.41 19.20 -15.25
N TYR A 178 -17.05 19.14 -13.97
CA TYR A 178 -18.05 19.16 -12.91
C TYR A 178 -18.56 20.57 -12.70
N ALA A 179 -19.86 20.76 -12.93
CA ALA A 179 -20.43 22.10 -13.04
C ALA A 179 -20.47 22.84 -11.71
N SER A 180 -20.44 22.07 -10.62
CA SER A 180 -20.42 22.63 -9.28
C SER A 180 -19.05 22.75 -8.64
N SER A 181 -18.02 22.51 -9.44
CA SER A 181 -16.65 22.64 -8.97
C SER A 181 -16.41 24.04 -8.35
N LYS A 182 -15.54 24.11 -7.36
CA LYS A 182 -15.06 25.38 -6.81
C LYS A 182 -14.42 26.23 -7.90
N TYR A 183 -13.91 25.57 -8.92
CA TYR A 183 -13.16 26.28 -9.95
C TYR A 183 -13.83 26.08 -11.28
N GLU A 184 -13.90 27.15 -12.06
CA GLU A 184 -14.41 27.06 -13.41
C GLU A 184 -13.24 27.16 -14.38
N ILE A 185 -13.36 26.49 -15.52
CA ILE A 185 -12.31 26.43 -16.51
C ILE A 185 -12.50 27.46 -17.60
N LEU A 186 -11.52 28.35 -17.76
CA LEU A 186 -11.53 29.30 -18.87
C LEU A 186 -11.08 28.66 -20.20
N SER A 187 -9.97 27.93 -20.16
CA SER A 187 -9.50 27.12 -21.31
C SER A 187 -8.62 25.93 -20.85
N ALA A 188 -8.67 24.82 -21.58
CA ALA A 188 -7.72 23.74 -21.34
C ALA A 188 -7.25 23.14 -22.66
N THR A 189 -5.93 23.14 -22.88
CA THR A 189 -5.40 22.62 -24.13
C THR A 189 -4.34 21.56 -23.87
N GLN A 190 -4.17 20.68 -24.85
CA GLN A 190 -3.21 19.60 -24.74
C GLN A 190 -2.42 19.63 -26.04
N THR A 191 -1.12 19.92 -25.94
CA THR A 191 -0.33 20.20 -27.13
C THR A 191 0.97 19.41 -27.15
N ARG A 192 1.22 18.72 -28.26
CA ARG A 192 2.47 17.97 -28.43
C ARG A 192 3.68 18.91 -28.46
N GLN A 193 4.75 18.52 -27.79
CA GLN A 193 5.97 19.31 -27.74
C GLN A 193 7.18 18.43 -28.00
N VAL A 194 8.15 18.97 -28.71
CA VAL A 194 9.41 18.28 -28.92
C VAL A 194 10.51 19.07 -28.23
N GLN A 195 11.27 18.38 -27.40
CA GLN A 195 12.38 18.94 -26.65
C GLN A 195 13.68 18.29 -27.10
N HIS A 196 14.76 19.08 -27.16
CA HIS A 196 16.10 18.51 -27.28
C HIS A 196 16.96 18.95 -26.10
N TYR A 197 17.87 18.08 -25.70
CA TYR A 197 18.81 18.39 -24.64
C TYR A 197 20.20 18.51 -25.25
N SER A 198 20.95 19.54 -24.86
CA SER A 198 22.19 19.90 -25.55
C SER A 198 23.10 18.69 -25.78
N CYS A 199 23.08 17.74 -24.86
CA CYS A 199 23.88 16.51 -24.96
C CYS A 199 23.55 15.60 -26.16
N CYS A 200 22.31 15.62 -26.64
CA CYS A 200 21.81 14.55 -27.50
C CYS A 200 21.04 15.03 -28.74
N PRO A 201 21.21 14.36 -29.89
CA PRO A 201 20.42 14.59 -31.11
C PRO A 201 18.96 14.09 -31.02
N GLU A 202 18.69 13.08 -30.20
CA GLU A 202 17.34 12.53 -30.11
C GLU A 202 16.35 13.54 -29.52
N PRO A 203 15.17 13.64 -30.12
CA PRO A 203 14.09 14.45 -29.56
C PRO A 203 13.41 13.74 -28.37
N TYR A 204 12.76 14.53 -27.54
CA TYR A 204 11.98 13.98 -26.44
C TYR A 204 10.60 14.60 -26.49
N ILE A 205 9.59 13.76 -26.32
CA ILE A 205 8.23 14.13 -26.68
C ILE A 205 7.31 14.16 -25.47
N ASP A 206 6.54 15.21 -25.36
CA ASP A 206 5.57 15.28 -24.28
C ASP A 206 4.28 15.91 -24.79
N VAL A 207 3.22 15.74 -24.02
CA VAL A 207 2.00 16.46 -24.29
C VAL A 207 1.81 17.42 -23.14
N ASN A 208 1.77 18.71 -23.47
CA ASN A 208 1.67 19.76 -22.46
C ASN A 208 0.22 20.12 -22.21
N LEU A 209 -0.22 19.93 -20.97
CA LEU A 209 -1.56 20.27 -20.57
C LEU A 209 -1.59 21.65 -19.93
N VAL A 210 -2.24 22.62 -20.60
CA VAL A 210 -2.30 23.97 -20.04
C VAL A 210 -3.71 24.26 -19.61
N VAL A 211 -3.89 24.71 -18.38
CA VAL A 211 -5.24 24.97 -17.88
C VAL A 211 -5.33 26.36 -17.28
N LYS A 212 -6.27 27.13 -17.80
CA LYS A 212 -6.59 28.44 -17.24
C LYS A 212 -7.91 28.34 -16.50
N PHE A 213 -7.94 28.79 -15.24
CA PHE A 213 -9.10 28.54 -14.41
C PHE A 213 -9.28 29.63 -13.34
N ARG A 214 -10.49 29.74 -12.78
CA ARG A 214 -10.70 30.67 -11.68
C ARG A 214 -11.80 30.22 -10.70
N GLU A 215 -11.79 30.82 -9.52
CA GLU A 215 -12.85 30.59 -8.53
C GLU A 215 -14.20 30.88 -9.16
N ARG A 216 -15.13 29.93 -9.00
CA ARG A 216 -16.44 30.02 -9.63
C ARG A 216 -17.27 31.18 -9.07
N ASP B 7 -18.15 -37.44 8.66
CA ASP B 7 -19.47 -36.90 8.37
C ASP B 7 -19.38 -35.38 8.15
N LYS B 8 -19.16 -34.63 9.23
CA LYS B 8 -18.84 -33.21 9.11
C LYS B 8 -17.52 -33.12 8.39
N LEU B 9 -16.80 -34.25 8.38
CA LEU B 9 -15.58 -34.40 7.60
C LEU B 9 -15.94 -34.56 6.13
N HIS B 10 -17.07 -35.23 5.87
CA HIS B 10 -17.53 -35.49 4.52
C HIS B 10 -18.05 -34.23 3.83
N SER B 11 -18.85 -33.45 4.56
CA SER B 11 -19.37 -32.20 4.05
C SER B 11 -18.19 -31.30 3.72
N GLN B 12 -17.21 -31.28 4.61
CA GLN B 12 -15.98 -30.53 4.42
C GLN B 12 -15.22 -31.04 3.20
N ALA B 13 -15.11 -32.35 3.08
CA ALA B 13 -14.51 -32.99 1.92
C ALA B 13 -15.26 -32.67 0.62
N ASN B 14 -16.59 -32.69 0.68
CA ASN B 14 -17.41 -32.36 -0.46
C ASN B 14 -17.23 -30.91 -0.90
N LEU B 15 -17.18 -29.98 0.05
CA LEU B 15 -17.03 -28.58 -0.28
C LEU B 15 -15.69 -28.31 -0.95
N MET B 16 -14.63 -28.87 -0.39
CA MET B 16 -13.31 -28.71 -0.99
C MET B 16 -13.30 -29.26 -2.42
N ARG B 17 -13.93 -30.43 -2.60
CA ARG B 17 -14.03 -31.06 -3.92
C ARG B 17 -14.81 -30.17 -4.90
N LEU B 18 -15.91 -29.59 -4.42
CA LEU B 18 -16.77 -28.73 -5.23
C LEU B 18 -16.01 -27.50 -5.73
N LYS B 19 -15.15 -26.96 -4.87
CA LYS B 19 -14.42 -25.75 -5.20
C LYS B 19 -13.29 -26.04 -6.19
N SER B 20 -12.67 -27.20 -6.04
CA SER B 20 -11.63 -27.64 -6.94
C SER B 20 -12.19 -27.91 -8.34
N ASP B 21 -13.45 -28.37 -8.38
CA ASP B 21 -14.10 -28.64 -9.65
C ASP B 21 -14.49 -27.37 -10.38
N LEU B 22 -15.11 -26.44 -9.67
CA LEU B 22 -15.59 -25.20 -10.26
C LEU B 22 -14.45 -24.30 -10.71
N PHE B 23 -13.46 -24.15 -9.85
CA PHE B 23 -12.35 -23.22 -10.07
C PHE B 23 -11.24 -23.76 -10.96
N ASN B 24 -10.98 -25.06 -10.85
CA ASN B 24 -9.90 -25.70 -11.61
C ASN B 24 -10.33 -26.19 -12.99
N ARG B 25 -11.62 -26.03 -13.30
CA ARG B 25 -12.15 -26.50 -14.57
C ARG B 25 -12.51 -25.35 -15.50
N PRO B 27 -10.78 -23.09 -16.82
CA PRO B 27 -10.07 -21.91 -16.34
C PRO B 27 -11.03 -20.92 -15.66
N MET B 28 -10.79 -19.64 -15.85
CA MET B 28 -11.62 -18.60 -15.26
C MET B 28 -12.49 -17.90 -16.30
N TYR B 29 -13.78 -17.76 -15.99
CA TYR B 29 -14.72 -17.07 -16.86
C TYR B 29 -14.05 -15.76 -17.26
N PRO B 30 -13.88 -15.57 -18.56
CA PRO B 30 -13.13 -14.42 -19.06
C PRO B 30 -13.81 -13.08 -18.94
N GLY B 31 -15.10 -13.12 -18.62
CA GLY B 31 -15.90 -11.92 -18.49
C GLY B 31 -17.10 -11.96 -19.40
N PRO B 32 -17.93 -10.93 -19.35
CA PRO B 32 -19.08 -10.88 -20.27
C PRO B 32 -18.66 -10.38 -21.65
N THR B 33 -19.48 -10.71 -22.65
CA THR B 33 -19.26 -10.33 -24.04
C THR B 33 -20.58 -9.98 -24.71
N LYS B 34 -20.50 -9.41 -25.91
CA LYS B 34 -21.69 -9.16 -26.71
C LYS B 34 -22.51 -10.43 -26.96
N ASP B 35 -21.81 -11.55 -27.10
CA ASP B 35 -22.45 -12.87 -27.24
C ASP B 35 -23.05 -13.34 -25.94
N ASP B 36 -22.33 -13.10 -24.84
CA ASP B 36 -22.70 -13.67 -23.55
C ASP B 36 -22.80 -12.56 -22.50
N PRO B 37 -23.80 -11.67 -22.65
CA PRO B 37 -23.80 -10.51 -21.75
C PRO B 37 -24.28 -10.89 -20.37
N LEU B 38 -24.18 -9.96 -19.43
CA LEU B 38 -24.52 -10.25 -18.04
C LEU B 38 -25.20 -9.08 -17.35
N THR B 39 -26.22 -9.40 -16.57
CA THR B 39 -26.94 -8.41 -15.78
C THR B 39 -26.48 -8.47 -14.34
N VAL B 40 -26.05 -7.33 -13.82
CA VAL B 40 -25.68 -7.21 -12.43
C VAL B 40 -26.76 -6.41 -11.74
N THR B 41 -27.24 -6.90 -10.60
CA THR B 41 -28.22 -6.15 -9.81
C THR B 41 -27.48 -5.41 -8.71
N LEU B 42 -27.89 -4.17 -8.46
CA LEU B 42 -27.16 -3.31 -7.57
C LEU B 42 -28.12 -2.67 -6.60
N GLY B 43 -27.72 -2.54 -5.35
CA GLY B 43 -28.48 -1.71 -4.43
C GLY B 43 -27.61 -1.12 -3.36
N PHE B 44 -28.01 0.02 -2.84
CA PHE B 44 -27.16 0.77 -1.95
C PHE B 44 -27.77 0.84 -0.57
N THR B 45 -26.92 0.69 0.45
CA THR B 45 -27.31 0.91 1.83
C THR B 45 -26.44 2.02 2.39
N LEU B 46 -27.05 3.15 2.70
CA LEU B 46 -26.27 4.30 3.11
C LEU B 46 -26.13 4.30 4.61
N GLN B 47 -24.91 4.07 5.09
CA GLN B 47 -24.63 4.14 6.51
C GLN B 47 -24.38 5.55 7.04
N ASP B 48 -23.54 6.32 6.36
CA ASP B 48 -23.19 7.61 6.90
C ASP B 48 -22.74 8.61 5.84
N ILE B 49 -23.08 9.87 6.04
CA ILE B 49 -22.38 10.93 5.34
C ILE B 49 -21.40 11.46 6.37
N VAL B 50 -20.13 11.16 6.18
CA VAL B 50 -19.14 11.48 7.20
C VAL B 50 -18.74 12.96 7.21
N LYS B 51 -18.43 13.47 6.02
CA LYS B 51 -17.83 14.78 5.87
C LYS B 51 -18.35 15.43 4.59
N ALA B 52 -18.58 16.74 4.66
CA ALA B 52 -18.89 17.56 3.49
C ALA B 52 -17.92 18.72 3.47
N ASP B 53 -17.06 18.77 2.47
CA ASP B 53 -16.00 19.79 2.44
C ASP B 53 -16.36 20.91 1.46
N SER B 54 -16.70 22.08 1.98
CA SER B 54 -17.21 23.17 1.14
C SER B 54 -16.06 23.94 0.51
N SER B 55 -14.84 23.69 1.01
CA SER B 55 -13.66 24.32 0.43
C SER B 55 -13.19 23.61 -0.86
N THR B 56 -13.25 22.29 -0.90
CA THR B 56 -13.00 21.54 -2.14
C THR B 56 -14.22 21.02 -2.93
N ASN B 57 -15.43 21.18 -2.38
CA ASN B 57 -16.61 20.47 -2.90
C ASN B 57 -16.46 18.95 -3.09
N GLU B 58 -16.04 18.28 -2.01
CA GLU B 58 -16.03 16.83 -1.95
C GLU B 58 -16.86 16.41 -0.75
N VAL B 59 -17.66 15.36 -0.94
CA VAL B 59 -18.40 14.76 0.16
C VAL B 59 -17.99 13.31 0.31
N ASP B 60 -17.95 12.85 1.55
CA ASP B 60 -17.50 11.49 1.85
C ASP B 60 -18.67 10.68 2.37
N LEU B 61 -18.96 9.57 1.70
CA LEU B 61 -20.02 8.66 2.10
C LEU B 61 -19.44 7.35 2.60
N VAL B 62 -20.09 6.76 3.60
CA VAL B 62 -19.85 5.37 3.96
C VAL B 62 -21.11 4.57 3.65
N TYR B 63 -20.96 3.51 2.87
CA TYR B 63 -22.11 2.75 2.43
C TYR B 63 -21.67 1.34 2.11
N TYR B 64 -22.61 0.42 1.99
CA TYR B 64 -22.29 -0.82 1.34
C TYR B 64 -23.17 -1.06 0.12
N GLU B 65 -22.62 -1.81 -0.81
CA GLU B 65 -23.17 -1.94 -2.14
C GLU B 65 -23.50 -3.40 -2.39
N GLN B 66 -24.78 -3.75 -2.44
CA GLN B 66 -25.10 -5.14 -2.78
C GLN B 66 -25.02 -5.38 -4.30
N GLN B 67 -24.20 -6.36 -4.69
CA GLN B 67 -24.08 -6.78 -6.08
C GLN B 67 -24.47 -8.24 -6.24
N ARG B 68 -25.16 -8.53 -7.33
CA ARG B 68 -25.67 -9.86 -7.60
C ARG B 68 -25.61 -10.10 -9.11
N TRP B 69 -25.21 -11.32 -9.51
CA TRP B 69 -25.24 -11.72 -10.91
C TRP B 69 -25.20 -13.24 -10.99
N LYS B 70 -25.29 -13.81 -12.19
CA LYS B 70 -25.34 -15.26 -12.34
C LYS B 70 -24.59 -15.78 -13.57
N LEU B 71 -23.74 -16.78 -13.35
CA LEU B 71 -22.94 -17.38 -14.41
C LEU B 71 -23.26 -18.87 -14.55
N ASN B 72 -23.58 -19.31 -15.76
CA ASN B 72 -23.84 -20.72 -15.99
C ASN B 72 -22.68 -21.58 -15.49
N SER B 73 -21.46 -21.04 -15.62
CA SER B 73 -20.27 -21.80 -15.29
C SER B 73 -20.05 -21.96 -13.79
N LEU B 74 -20.86 -21.29 -12.97
CA LEU B 74 -20.81 -21.48 -11.53
C LEU B 74 -21.87 -22.47 -10.99
N MET B 75 -22.64 -23.07 -11.90
CA MET B 75 -23.66 -24.03 -11.48
C MET B 75 -23.10 -25.40 -11.10
N TRP B 76 -23.78 -26.05 -10.16
CA TRP B 76 -23.49 -27.44 -9.82
C TRP B 76 -24.77 -28.09 -9.31
N ASP B 77 -24.83 -29.41 -9.44
CA ASP B 77 -25.91 -30.21 -8.90
C ASP B 77 -25.59 -30.55 -7.44
N PRO B 78 -26.37 -30.02 -6.48
CA PRO B 78 -26.13 -30.28 -5.06
C PRO B 78 -26.05 -31.78 -4.70
N ASN B 79 -26.84 -32.62 -5.37
CA ASN B 79 -26.84 -34.07 -5.08
C ASN B 79 -25.49 -34.73 -5.32
N GLU B 80 -24.71 -34.17 -6.24
CA GLU B 80 -23.38 -34.70 -6.54
C GLU B 80 -22.36 -34.28 -5.48
N TYR B 81 -22.67 -33.20 -4.76
CA TYR B 81 -21.71 -32.58 -3.85
C TYR B 81 -22.28 -32.45 -2.44
N GLY B 82 -23.11 -33.39 -2.03
CA GLY B 82 -23.46 -33.55 -0.64
C GLY B 82 -24.67 -32.74 -0.24
N ASN B 83 -25.49 -32.39 -1.23
CA ASN B 83 -26.56 -31.42 -1.03
C ASN B 83 -26.06 -30.08 -0.47
N ILE B 84 -24.81 -29.73 -0.82
CA ILE B 84 -24.31 -28.39 -0.51
C ILE B 84 -24.98 -27.43 -1.49
N THR B 85 -25.74 -26.48 -0.96
CA THR B 85 -26.49 -25.53 -1.78
C THR B 85 -25.78 -24.21 -2.06
N ASP B 86 -24.68 -23.96 -1.37
CA ASP B 86 -23.99 -22.67 -1.49
C ASP B 86 -22.74 -22.68 -0.63
N PHE B 87 -21.83 -21.75 -0.93
CA PHE B 87 -20.63 -21.59 -0.14
C PHE B 87 -20.11 -20.16 -0.19
N ARG B 88 -19.29 -19.82 0.79
CA ARG B 88 -18.52 -18.58 0.81
C ARG B 88 -17.20 -18.83 0.11
N THR B 89 -16.73 -17.84 -0.63
CA THR B 89 -15.40 -17.90 -1.23
C THR B 89 -14.84 -16.49 -1.34
N SER B 90 -13.53 -16.37 -1.20
CA SER B 90 -12.86 -15.09 -1.38
C SER B 90 -13.21 -14.51 -2.75
N ALA B 91 -13.38 -13.19 -2.83
CA ALA B 91 -13.70 -12.54 -4.11
C ALA B 91 -12.59 -12.67 -5.15
N ALA B 92 -11.37 -12.97 -4.73
CA ALA B 92 -10.28 -13.18 -5.69
C ALA B 92 -10.42 -14.49 -6.49
N ASP B 93 -11.21 -15.43 -5.99
CA ASP B 93 -11.33 -16.73 -6.66
C ASP B 93 -12.32 -16.69 -7.82
N ILE B 94 -13.07 -15.59 -7.94
CA ILE B 94 -14.07 -15.46 -8.98
C ILE B 94 -13.99 -14.12 -9.69
N TRP B 95 -14.61 -14.07 -10.85
CA TRP B 95 -14.74 -12.82 -11.58
C TRP B 95 -15.72 -11.95 -10.82
N THR B 96 -15.45 -10.66 -10.74
CA THR B 96 -16.40 -9.73 -10.15
C THR B 96 -16.52 -8.52 -11.04
N PRO B 97 -17.69 -7.87 -11.01
CA PRO B 97 -17.85 -6.75 -11.93
C PRO B 97 -17.08 -5.51 -11.45
N ASP B 98 -16.72 -4.69 -12.42
CA ASP B 98 -15.84 -3.51 -12.32
C ASP B 98 -16.58 -2.23 -11.91
N ILE B 99 -17.76 -2.38 -11.31
CA ILE B 99 -18.59 -1.24 -10.94
C ILE B 99 -17.77 -0.14 -10.24
N THR B 100 -17.94 1.09 -10.74
CA THR B 100 -17.05 2.19 -10.41
C THR B 100 -17.86 3.47 -10.29
N ALA B 101 -17.63 4.26 -9.23
CA ALA B 101 -18.19 5.60 -9.16
C ALA B 101 -17.60 6.46 -10.29
N TYR B 102 -18.43 7.18 -11.03
CA TYR B 102 -17.94 8.00 -12.15
C TYR B 102 -17.37 9.36 -11.75
N SER B 103 -17.68 9.79 -10.54
CA SER B 103 -17.24 11.10 -10.06
C SER B 103 -16.56 11.02 -8.69
N SER B 104 -15.83 9.94 -8.46
CA SER B 104 -14.93 9.86 -7.27
C SER B 104 -13.79 10.87 -7.33
N THR B 105 -13.39 11.43 -6.18
CA THR B 105 -12.13 12.20 -6.14
C THR B 105 -10.90 11.51 -5.56
N ARG B 106 -11.12 10.30 -5.02
CA ARG B 106 -10.09 9.54 -4.33
CA ARG B 106 -10.09 9.52 -4.33
C ARG B 106 -10.34 8.04 -4.53
N PRO B 107 -9.28 7.23 -4.39
CA PRO B 107 -9.59 5.80 -4.50
C PRO B 107 -10.54 5.38 -3.37
N VAL B 108 -11.49 4.55 -3.72
CA VAL B 108 -12.42 3.99 -2.75
C VAL B 108 -11.64 3.25 -1.66
N GLN B 109 -12.07 3.42 -0.42
CA GLN B 109 -11.50 2.63 0.67
C GLN B 109 -12.47 1.52 1.05
N VAL B 110 -11.95 0.30 1.04
CA VAL B 110 -12.75 -0.90 1.33
C VAL B 110 -12.81 -1.12 2.85
N LEU B 111 -14.01 -1.14 3.39
CA LEU B 111 -14.19 -1.28 4.84
C LEU B 111 -14.51 -2.72 5.27
N SER B 112 -14.66 -3.62 4.31
CA SER B 112 -15.19 -4.94 4.62
C SER B 112 -14.39 -6.07 3.98
N PRO B 113 -14.47 -7.27 4.57
CA PRO B 113 -13.88 -8.47 3.95
C PRO B 113 -14.41 -8.64 2.53
N GLN B 114 -13.61 -9.14 1.60
CA GLN B 114 -14.18 -9.34 0.27
C GLN B 114 -14.40 -10.82 0.11
N ILE B 115 -15.66 -11.22 0.28
CA ILE B 115 -16.02 -12.61 0.24
C ILE B 115 -17.41 -12.64 -0.31
N ALA B 116 -17.68 -13.59 -1.18
CA ALA B 116 -18.95 -13.65 -1.86
C ALA B 116 -19.61 -14.97 -1.56
N VAL B 117 -20.91 -15.04 -1.81
CA VAL B 117 -21.67 -16.26 -1.64
C VAL B 117 -22.09 -16.76 -3.01
N VAL B 118 -21.66 -17.98 -3.33
CA VAL B 118 -22.01 -18.61 -4.59
C VAL B 118 -23.10 -19.63 -4.32
N THR B 119 -24.08 -19.70 -5.21
CA THR B 119 -25.20 -20.62 -5.03
C THR B 119 -25.21 -21.59 -6.21
N HIS B 120 -25.86 -22.73 -6.02
CA HIS B 120 -25.80 -23.83 -7.00
C HIS B 120 -26.39 -23.49 -8.37
N ASP B 121 -27.40 -22.62 -8.41
CA ASP B 121 -27.94 -22.13 -9.68
C ASP B 121 -26.93 -21.23 -10.40
N GLY B 122 -25.86 -20.89 -9.72
CA GLY B 122 -24.78 -20.15 -10.32
C GLY B 122 -24.83 -18.68 -9.94
N SER B 123 -25.79 -18.33 -9.09
CA SER B 123 -25.92 -16.94 -8.67
C SER B 123 -24.83 -16.58 -7.68
N VAL B 124 -24.42 -15.32 -7.72
CA VAL B 124 -23.37 -14.81 -6.85
C VAL B 124 -23.83 -13.54 -6.16
N MET B 125 -23.54 -13.42 -4.88
CA MET B 125 -23.95 -12.24 -4.11
C MET B 125 -22.79 -11.72 -3.27
N PHE B 126 -22.55 -10.42 -3.36
CA PHE B 126 -21.34 -9.81 -2.81
C PHE B 126 -21.66 -8.41 -2.26
N ILE B 127 -21.18 -8.12 -1.05
CA ILE B 127 -21.54 -6.86 -0.38
C ILE B 127 -20.31 -6.13 0.17
N PRO B 128 -19.56 -5.45 -0.72
CA PRO B 128 -18.41 -4.65 -0.28
C PRO B 128 -18.87 -3.40 0.43
N ALA B 129 -18.29 -3.08 1.59
CA ALA B 129 -18.53 -1.79 2.25
C ALA B 129 -17.37 -0.85 1.91
N GLN B 130 -17.68 0.41 1.66
CA GLN B 130 -16.72 1.35 1.06
C GLN B 130 -16.88 2.73 1.67
N ARG B 131 -15.78 3.48 1.73
CA ARG B 131 -15.88 4.92 1.95
C ARG B 131 -15.50 5.62 0.64
N LEU B 132 -16.36 6.52 0.19
CA LEU B 132 -16.12 7.19 -1.08
C LEU B 132 -16.13 8.69 -0.90
N SER B 133 -15.09 9.35 -1.42
CA SER B 133 -15.12 10.80 -1.63
C SER B 133 -15.51 11.05 -3.06
N PHE B 134 -16.53 11.88 -3.26
CA PHE B 134 -16.99 12.21 -4.61
C PHE B 134 -17.34 13.70 -4.73
N MET B 135 -17.54 14.16 -5.96
CA MET B 135 -17.72 15.59 -6.22
C MET B 135 -19.12 16.03 -5.89
N CYS B 136 -19.23 16.90 -4.90
CA CYS B 136 -20.52 17.36 -4.43
C CYS B 136 -20.44 18.79 -3.90
N ASP B 137 -21.36 19.65 -4.30
CA ASP B 137 -21.43 20.99 -3.73
C ASP B 137 -22.44 20.99 -2.59
N PRO B 138 -21.96 21.03 -1.35
CA PRO B 138 -22.82 20.96 -0.17
C PRO B 138 -23.51 22.29 0.13
N THR B 139 -23.49 23.22 -0.79
CA THR B 139 -24.07 24.54 -0.55
C THR B 139 -25.55 24.31 -0.26
N GLY B 140 -26.05 24.99 0.76
CA GLY B 140 -27.42 24.83 1.17
C GLY B 140 -27.59 23.78 2.25
N VAL B 141 -26.49 23.12 2.64
CA VAL B 141 -26.59 22.01 3.57
C VAL B 141 -27.09 22.50 4.94
N ASP B 142 -26.91 23.79 5.20
CA ASP B 142 -27.26 24.43 6.46
C ASP B 142 -28.71 24.95 6.49
N SER B 143 -29.49 24.65 5.46
CA SER B 143 -30.84 25.17 5.35
C SER B 143 -31.85 24.04 5.43
N GLU B 144 -33.09 24.38 5.77
CA GLU B 144 -34.17 23.42 5.87
C GLU B 144 -34.25 22.53 4.64
N GLU B 145 -34.04 23.12 3.48
CA GLU B 145 -34.12 22.37 2.22
C GLU B 145 -32.90 21.45 2.02
N GLY B 146 -31.79 21.81 2.66
CA GLY B 146 -30.57 21.03 2.55
C GLY B 146 -29.91 21.11 1.18
N ALA B 147 -29.04 20.13 0.91
CA ALA B 147 -28.21 20.12 -0.29
C ALA B 147 -28.51 18.85 -1.06
N THR B 148 -28.23 18.89 -2.35
CA THR B 148 -28.45 17.71 -3.18
C THR B 148 -27.20 17.36 -3.96
N CYS B 149 -26.87 16.07 -3.98
CA CYS B 149 -25.77 15.60 -4.80
C CYS B 149 -26.07 14.25 -5.44
N ALA B 150 -25.30 13.93 -6.47
CA ALA B 150 -25.53 12.73 -7.24
C ALA B 150 -24.19 12.16 -7.67
N VAL B 151 -24.10 10.83 -7.71
CA VAL B 151 -22.96 10.16 -8.29
C VAL B 151 -23.46 8.92 -9.02
N LYS B 152 -22.90 8.66 -10.21
CA LYS B 152 -23.26 7.47 -10.99
C LYS B 152 -22.31 6.30 -10.72
N PHE B 153 -22.85 5.09 -10.67
CA PHE B 153 -22.02 3.92 -10.54
C PHE B 153 -22.25 3.03 -11.72
N GLY B 154 -21.17 2.60 -12.37
CA GLY B 154 -21.32 1.74 -13.52
C GLY B 154 -20.04 1.06 -13.85
N SER B 155 -20.10 0.12 -14.78
CA SER B 155 -18.88 -0.46 -15.30
C SER B 155 -18.05 0.62 -15.97
N TRP B 156 -16.75 0.57 -15.76
CA TRP B 156 -15.82 1.45 -16.44
C TRP B 156 -15.52 1.02 -17.88
N VAL B 157 -15.24 -0.27 -18.08
CA VAL B 157 -14.90 -0.77 -19.42
C VAL B 157 -15.97 -1.52 -20.22
N TYR B 158 -17.15 -1.73 -19.64
CA TYR B 158 -18.16 -2.54 -20.33
C TYR B 158 -19.42 -1.75 -20.61
N SER B 159 -19.75 -1.62 -21.89
CA SER B 159 -20.97 -0.93 -22.28
C SER B 159 -22.17 -1.83 -22.00
N GLY B 160 -23.36 -1.29 -22.29
CA GLY B 160 -24.60 -1.98 -21.99
C GLY B 160 -24.91 -3.19 -22.87
N PHE B 161 -24.10 -3.44 -23.88
CA PHE B 161 -24.21 -4.69 -24.65
C PHE B 161 -23.43 -5.82 -23.98
N GLU B 162 -22.57 -5.44 -23.03
CA GLU B 162 -21.74 -6.38 -22.28
C GLU B 162 -22.28 -6.58 -20.85
N ILE B 163 -22.37 -5.48 -20.10
CA ILE B 163 -23.00 -5.49 -18.78
C ILE B 163 -24.22 -4.58 -18.70
N ASP B 164 -25.32 -5.12 -18.20
CA ASP B 164 -26.52 -4.34 -17.93
C ASP B 164 -26.73 -4.29 -16.42
N LEU B 165 -27.35 -3.21 -15.94
CA LEU B 165 -27.52 -2.99 -14.51
C LEU B 165 -28.99 -2.89 -14.10
N LYS B 166 -29.31 -3.39 -12.91
CA LYS B 166 -30.69 -3.44 -12.46
C LYS B 166 -30.77 -3.13 -10.97
N THR B 167 -31.89 -2.52 -10.56
CA THR B 167 -32.19 -2.28 -9.16
C THR B 167 -33.49 -2.99 -8.78
N ASP B 168 -33.58 -3.47 -7.54
CA ASP B 168 -34.82 -4.03 -7.03
C ASP B 168 -35.75 -2.91 -6.56
N THR B 169 -35.18 -1.75 -6.30
CA THR B 169 -35.99 -0.59 -5.94
C THR B 169 -35.22 0.67 -6.26
N ASP B 170 -35.93 1.79 -6.38
CA ASP B 170 -35.28 3.09 -6.54
C ASP B 170 -35.03 3.76 -5.20
N GLN B 171 -35.43 3.10 -4.12
CA GLN B 171 -35.25 3.67 -2.81
C GLN B 171 -33.99 3.09 -2.17
N VAL B 172 -33.06 3.98 -1.84
CA VAL B 172 -31.84 3.60 -1.19
C VAL B 172 -32.17 3.12 0.23
N ASP B 173 -31.49 2.08 0.70
CA ASP B 173 -31.83 1.55 2.01
C ASP B 173 -31.19 2.43 3.09
N LEU B 174 -32.03 3.06 3.88
CA LEU B 174 -31.65 3.90 5.01
C LEU B 174 -31.78 3.20 6.36
N SER B 175 -32.20 1.94 6.36
CA SER B 175 -32.50 1.26 7.62
C SER B 175 -31.31 1.29 8.57
N SER B 176 -30.11 1.25 8.02
CA SER B 176 -28.87 1.26 8.80
C SER B 176 -28.20 2.64 8.93
N TYR B 177 -28.84 3.68 8.43
CA TYR B 177 -28.21 4.99 8.48
C TYR B 177 -27.93 5.44 9.91
N TYR B 178 -26.77 6.07 10.11
CA TYR B 178 -26.31 6.38 11.46
C TYR B 178 -27.11 7.54 12.03
N ALA B 179 -27.80 7.29 13.14
CA ALA B 179 -28.75 8.23 13.70
C ALA B 179 -28.12 9.51 14.29
N SER B 180 -26.86 9.41 14.68
CA SER B 180 -26.08 10.55 15.19
C SER B 180 -25.16 11.25 14.17
N SER B 181 -25.26 10.85 12.91
CA SER B 181 -24.48 11.49 11.86
C SER B 181 -24.71 12.99 11.88
N LYS B 182 -23.68 13.74 11.50
CA LYS B 182 -23.77 15.19 11.39
C LYS B 182 -24.85 15.57 10.37
N TYR B 183 -25.15 14.66 9.46
CA TYR B 183 -26.08 14.95 8.39
C TYR B 183 -27.29 14.05 8.43
N GLU B 184 -28.46 14.64 8.27
CA GLU B 184 -29.64 13.81 8.14
C GLU B 184 -30.00 13.70 6.66
N ILE B 185 -30.51 12.54 6.28
CA ILE B 185 -30.93 12.31 4.91
C ILE B 185 -32.39 12.66 4.72
N LEU B 186 -32.66 13.55 3.78
CA LEU B 186 -34.03 13.86 3.36
C LEU B 186 -34.61 12.85 2.35
N SER B 187 -33.80 12.45 1.38
CA SER B 187 -34.18 11.40 0.43
C SER B 187 -32.92 10.73 -0.15
N ALA B 188 -33.00 9.44 -0.45
CA ALA B 188 -31.91 8.79 -1.14
C ALA B 188 -32.46 7.84 -2.20
N THR B 189 -32.14 8.12 -3.46
CA THR B 189 -32.68 7.32 -4.56
C THR B 189 -31.59 6.73 -5.43
N GLN B 190 -31.89 5.57 -6.03
CA GLN B 190 -30.95 4.87 -6.89
C GLN B 190 -31.69 4.48 -8.18
N THR B 191 -31.24 5.03 -9.30
CA THR B 191 -32.01 4.91 -10.53
C THR B 191 -31.18 4.44 -11.72
N ARG B 192 -31.59 3.34 -12.34
CA ARG B 192 -30.91 2.86 -13.52
C ARG B 192 -31.02 3.88 -14.63
N GLN B 193 -29.90 4.20 -15.27
CA GLN B 193 -29.88 5.11 -16.40
C GLN B 193 -29.19 4.48 -17.59
N VAL B 194 -29.71 4.78 -18.78
CA VAL B 194 -29.02 4.36 -19.99
C VAL B 194 -28.32 5.63 -20.46
N GLN B 195 -26.99 5.65 -20.31
CA GLN B 195 -26.21 6.88 -20.48
C GLN B 195 -25.38 6.86 -21.76
N HIS B 196 -25.55 7.88 -22.57
CA HIS B 196 -24.77 7.99 -23.80
C HIS B 196 -23.59 8.94 -23.62
N TYR B 197 -22.41 8.46 -24.01
CA TYR B 197 -21.18 9.25 -23.98
C TYR B 197 -20.69 9.43 -25.40
N SER B 198 -20.34 10.68 -25.76
CA SER B 198 -19.98 11.00 -27.14
C SER B 198 -18.70 10.30 -27.59
N CYS B 199 -17.97 9.73 -26.63
CA CYS B 199 -16.78 8.94 -26.93
C CYS B 199 -17.12 7.63 -27.64
N CYS B 200 -18.29 7.08 -27.35
CA CYS B 200 -18.60 5.70 -27.73
C CYS B 200 -20.01 5.54 -28.30
N PRO B 201 -20.14 4.70 -29.34
CA PRO B 201 -21.38 4.35 -30.04
C PRO B 201 -22.36 3.64 -29.13
N GLU B 202 -21.85 2.82 -28.21
CA GLU B 202 -22.70 2.03 -27.32
C GLU B 202 -22.95 2.73 -26.00
N PRO B 203 -24.21 2.76 -25.58
CA PRO B 203 -24.57 3.33 -24.28
C PRO B 203 -23.87 2.59 -23.13
N TYR B 204 -23.55 3.31 -22.05
CA TYR B 204 -23.10 2.69 -20.82
C TYR B 204 -24.24 2.74 -19.81
N ILE B 205 -24.34 1.73 -18.95
CA ILE B 205 -25.44 1.70 -18.04
C ILE B 205 -24.97 2.00 -16.63
N ASP B 206 -25.66 2.91 -15.95
CA ASP B 206 -25.25 3.28 -14.62
C ASP B 206 -26.44 3.32 -13.66
N VAL B 207 -26.14 3.37 -12.37
CA VAL B 207 -27.16 3.59 -11.37
C VAL B 207 -26.82 4.90 -10.70
N ASN B 208 -27.70 5.87 -10.88
CA ASN B 208 -27.50 7.21 -10.37
C ASN B 208 -27.99 7.26 -8.94
N LEU B 209 -27.08 7.57 -8.02
CA LEU B 209 -27.45 7.74 -6.63
C LEU B 209 -27.68 9.23 -6.35
N VAL B 210 -28.87 9.57 -5.89
CA VAL B 210 -29.14 10.96 -5.54
C VAL B 210 -29.49 11.08 -4.06
N VAL B 211 -28.69 11.86 -3.34
CA VAL B 211 -28.91 12.06 -1.92
C VAL B 211 -29.19 13.54 -1.64
N LYS B 212 -30.32 13.81 -0.97
CA LYS B 212 -30.62 15.14 -0.45
C LYS B 212 -30.41 15.11 1.06
N PHE B 213 -29.61 16.04 1.57
CA PHE B 213 -29.23 16.00 2.98
C PHE B 213 -29.00 17.38 3.57
N ARG B 214 -29.00 17.47 4.90
CA ARG B 214 -28.74 18.74 5.57
C ARG B 214 -28.13 18.48 6.95
N GLU B 215 -27.45 19.49 7.47
CA GLU B 215 -26.94 19.44 8.85
C GLU B 215 -28.07 19.16 9.83
N ARG B 216 -27.83 18.30 10.81
CA ARG B 216 -28.83 18.05 11.85
C ARG B 216 -28.91 19.25 12.80
N ASP C 7 19.99 -32.49 19.12
CA ASP C 7 19.04 -32.36 20.21
C ASP C 7 18.13 -31.15 19.96
N LYS C 8 18.71 -29.96 20.04
CA LYS C 8 17.98 -28.74 19.72
C LYS C 8 17.56 -28.73 18.25
N LEU C 9 18.34 -29.42 17.43
CA LEU C 9 18.00 -29.66 16.04
C LEU C 9 16.81 -30.61 15.99
N HIS C 10 16.80 -31.58 16.89
CA HIS C 10 15.71 -32.55 16.95
C HIS C 10 14.39 -31.84 17.24
N SER C 11 14.41 -30.85 18.12
CA SER C 11 13.20 -30.08 18.42
C SER C 11 12.67 -29.33 17.19
N GLN C 12 13.58 -28.74 16.43
CA GLN C 12 13.25 -28.07 15.17
C GLN C 12 12.72 -29.04 14.12
N ALA C 13 13.45 -30.15 13.93
CA ALA C 13 13.07 -31.17 12.95
C ALA C 13 11.63 -31.61 13.19
N ASN C 14 11.28 -31.78 14.46
CA ASN C 14 9.93 -32.19 14.84
C ASN C 14 8.86 -31.13 14.52
N LEU C 15 9.20 -29.86 14.72
CA LEU C 15 8.28 -28.76 14.46
C LEU C 15 8.07 -28.56 12.95
N MET C 16 9.15 -28.59 12.19
CA MET C 16 9.04 -28.48 10.76
C MET C 16 8.21 -29.66 10.28
N ARG C 17 8.42 -30.82 10.91
CA ARG C 17 7.66 -32.01 10.57
C ARG C 17 6.18 -31.76 10.79
N LEU C 18 5.83 -31.38 12.02
CA LEU C 18 4.44 -31.13 12.39
C LEU C 18 3.76 -30.13 11.47
N LYS C 19 4.45 -29.03 11.18
CA LYS C 19 3.88 -27.99 10.32
C LYS C 19 3.65 -28.51 8.91
N SER C 20 4.63 -29.23 8.36
CA SER C 20 4.50 -29.81 7.03
C SER C 20 3.39 -30.86 6.92
N ASP C 21 3.28 -31.72 7.93
CA ASP C 21 2.21 -32.72 7.98
C ASP C 21 0.83 -32.09 8.01
N LEU C 22 0.72 -30.98 8.74
CA LEU C 22 -0.56 -30.35 9.00
C LEU C 22 -1.08 -29.58 7.80
N PHE C 23 -0.32 -28.56 7.40
CA PHE C 23 -0.79 -27.58 6.44
C PHE C 23 -1.15 -28.20 5.09
N ASN C 24 -0.80 -29.48 4.91
CA ASN C 24 -1.33 -30.27 3.81
C ASN C 24 -2.41 -31.26 4.23
N TYR C 29 -8.37 -25.40 4.54
CA TYR C 29 -9.64 -25.43 5.25
C TYR C 29 -10.66 -24.44 4.67
N PRO C 30 -11.81 -24.95 4.25
CA PRO C 30 -12.75 -24.15 3.47
C PRO C 30 -13.58 -23.17 4.31
N GLY C 31 -13.23 -23.00 5.59
CA GLY C 31 -14.10 -22.28 6.52
C GLY C 31 -15.37 -22.95 6.99
N PRO C 32 -16.06 -22.34 7.96
CA PRO C 32 -17.22 -22.99 8.59
C PRO C 32 -18.43 -23.06 7.67
N THR C 33 -19.37 -23.95 8.00
CA THR C 33 -20.62 -24.10 7.27
C THR C 33 -21.72 -24.45 8.28
N LYS C 34 -22.95 -24.58 7.78
CA LYS C 34 -24.09 -24.93 8.63
C LYS C 34 -23.91 -26.32 9.24
N ASP C 35 -23.28 -27.22 8.49
CA ASP C 35 -22.99 -28.58 8.95
C ASP C 35 -21.71 -28.67 9.75
N ASP C 36 -20.85 -27.67 9.62
CA ASP C 36 -19.59 -27.65 10.35
C ASP C 36 -19.37 -26.27 10.98
N PRO C 37 -20.29 -25.89 11.86
CA PRO C 37 -20.27 -24.57 12.51
C PRO C 37 -19.06 -24.33 13.41
N LEU C 38 -18.60 -23.09 13.44
CA LEU C 38 -17.44 -22.69 14.23
C LEU C 38 -17.79 -21.55 15.19
N THR C 39 -17.32 -21.64 16.42
CA THR C 39 -17.59 -20.62 17.43
C THR C 39 -16.34 -19.83 17.76
N VAL C 40 -16.44 -18.50 17.70
CA VAL C 40 -15.31 -17.63 17.98
C VAL C 40 -15.55 -16.90 19.29
N THR C 41 -14.57 -16.95 20.19
CA THR C 41 -14.67 -16.21 21.44
C THR C 41 -13.92 -14.90 21.29
N LEU C 42 -14.60 -13.80 21.57
CA LEU C 42 -14.04 -12.46 21.42
C LEU C 42 -13.88 -11.78 22.78
N GLY C 43 -12.78 -11.05 22.95
CA GLY C 43 -12.59 -10.19 24.09
C GLY C 43 -11.83 -8.94 23.67
N PHE C 44 -12.15 -7.79 24.27
CA PHE C 44 -11.45 -6.57 23.94
C PHE C 44 -10.64 -6.02 25.10
N THR C 45 -9.42 -5.59 24.76
CA THR C 45 -8.59 -4.79 25.66
C THR C 45 -8.43 -3.38 25.06
N LEU C 46 -8.97 -2.38 25.74
CA LEU C 46 -8.97 -1.01 25.23
C LEU C 46 -7.73 -0.26 25.70
N GLN C 47 -6.85 0.09 24.77
CA GLN C 47 -5.67 0.89 25.10
C GLN C 47 -5.85 2.40 25.20
N ASP C 48 -6.50 2.99 24.21
CA ASP C 48 -6.54 4.43 24.14
C ASP C 48 -7.76 4.91 23.38
N ILE C 49 -8.33 6.04 23.79
CA ILE C 49 -9.17 6.79 22.87
C ILE C 49 -8.27 7.92 22.39
N VAL C 50 -7.83 7.82 21.15
CA VAL C 50 -6.81 8.70 20.59
C VAL C 50 -7.40 10.07 20.22
N LYS C 51 -8.56 10.04 19.56
CA LYS C 51 -9.19 11.25 19.06
C LYS C 51 -10.72 11.15 19.02
N ALA C 52 -11.39 12.27 19.29
CA ALA C 52 -12.84 12.38 19.13
C ALA C 52 -13.16 13.60 18.25
N ASP C 53 -13.72 13.37 17.08
CA ASP C 53 -13.90 14.45 16.11
C ASP C 53 -15.37 14.88 16.03
N SER C 54 -15.67 16.07 16.56
CA SER C 54 -17.06 16.50 16.66
C SER C 54 -17.54 17.10 15.34
N SER C 55 -16.60 17.42 14.46
CA SER C 55 -16.98 17.94 13.16
C SER C 55 -17.44 16.82 12.21
N THR C 56 -16.80 15.66 12.27
CA THR C 56 -17.30 14.48 11.56
C THR C 56 -18.06 13.38 12.34
N ASN C 57 -18.13 13.50 13.65
CA ASN C 57 -18.64 12.39 14.47
C ASN C 57 -17.93 11.06 14.19
N GLU C 58 -16.61 11.08 14.30
CA GLU C 58 -15.76 9.90 14.22
C GLU C 58 -14.88 9.88 15.46
N VAL C 59 -14.70 8.70 16.06
CA VAL C 59 -13.75 8.54 17.14
C VAL C 59 -12.75 7.43 16.81
N ASP C 60 -11.52 7.61 17.28
CA ASP C 60 -10.43 6.69 16.98
C ASP C 60 -10.07 5.90 18.24
N LEU C 61 -10.18 4.57 18.15
CA LEU C 61 -9.74 3.67 19.22
C LEU C 61 -8.49 2.89 18.87
N VAL C 62 -7.65 2.69 19.87
CA VAL C 62 -6.60 1.68 19.76
C VAL C 62 -6.91 0.58 20.80
N TYR C 63 -6.97 -0.67 20.33
CA TYR C 63 -7.25 -1.80 21.20
C TYR C 63 -6.62 -3.07 20.65
N TYR C 64 -6.74 -4.15 21.43
CA TYR C 64 -6.44 -5.53 21.03
C TYR C 64 -7.74 -6.30 21.04
N GLU C 65 -7.91 -7.16 20.06
CA GLU C 65 -9.07 -8.02 19.98
C GLU C 65 -8.54 -9.43 20.17
N GLN C 66 -8.90 -10.10 21.27
CA GLN C 66 -8.52 -11.51 21.39
C GLN C 66 -9.54 -12.42 20.75
N GLN C 67 -9.07 -13.31 19.89
CA GLN C 67 -9.93 -14.20 19.13
C GLN C 67 -9.49 -15.64 19.36
N ARG C 68 -10.45 -16.51 19.67
CA ARG C 68 -10.17 -17.93 19.90
C ARG C 68 -11.23 -18.80 19.24
N TRP C 69 -10.78 -19.85 18.59
CA TRP C 69 -11.68 -20.83 18.01
C TRP C 69 -10.95 -22.16 17.93
N LYS C 70 -11.66 -23.20 17.49
CA LYS C 70 -11.10 -24.55 17.45
C LYS C 70 -11.45 -25.27 16.16
N LEU C 71 -10.44 -25.87 15.52
CA LEU C 71 -10.67 -26.70 14.35
C LEU C 71 -10.07 -28.07 14.61
N ASN C 72 -10.87 -29.13 14.45
CA ASN C 72 -10.34 -30.48 14.62
C ASN C 72 -9.27 -30.79 13.58
N SER C 73 -9.39 -30.16 12.41
CA SER C 73 -8.38 -30.29 11.35
C SER C 73 -7.00 -29.81 11.81
N LEU C 74 -6.97 -29.10 12.95
CA LEU C 74 -5.73 -28.64 13.55
C LEU C 74 -5.18 -29.52 14.69
N MET C 75 -5.88 -30.61 15.00
CA MET C 75 -5.46 -31.51 16.07
C MET C 75 -4.27 -32.41 15.74
N TRP C 76 -3.46 -32.72 16.76
CA TRP C 76 -2.36 -33.68 16.62
C TRP C 76 -2.01 -34.27 17.97
N ASP C 77 -1.30 -35.40 17.97
CA ASP C 77 -0.86 -36.04 19.20
C ASP C 77 0.59 -35.67 19.50
N PRO C 78 0.80 -34.88 20.56
CA PRO C 78 2.13 -34.39 20.95
C PRO C 78 3.19 -35.50 21.02
N ASN C 79 2.82 -36.66 21.53
CA ASN C 79 3.77 -37.77 21.66
C ASN C 79 4.39 -38.18 20.32
N GLU C 80 3.60 -38.11 19.27
CA GLU C 80 4.12 -38.37 17.93
C GLU C 80 5.05 -37.26 17.47
N TYR C 81 4.85 -36.07 18.02
CA TYR C 81 5.62 -34.90 17.62
C TYR C 81 6.47 -34.35 18.77
N GLY C 82 7.04 -35.25 19.55
CA GLY C 82 8.10 -34.90 20.48
C GLY C 82 7.60 -33.97 21.56
N ASN C 83 6.37 -34.23 22.00
CA ASN C 83 5.77 -33.51 23.12
C ASN C 83 5.54 -32.03 22.81
N ILE C 84 5.31 -31.72 21.54
CA ILE C 84 5.06 -30.34 21.17
C ILE C 84 3.58 -30.11 21.42
N THR C 85 3.28 -29.35 22.47
CA THR C 85 1.93 -28.89 22.79
C THR C 85 1.30 -27.87 21.83
N ASP C 86 2.11 -26.91 21.39
CA ASP C 86 1.63 -25.72 20.71
C ASP C 86 2.73 -25.08 19.86
N PHE C 87 2.34 -24.20 18.93
CA PHE C 87 3.31 -23.46 18.14
C PHE C 87 2.78 -22.10 17.63
N ARG C 88 3.70 -21.19 17.33
CA ARG C 88 3.38 -19.96 16.64
C ARG C 88 3.42 -20.18 15.14
N THR C 89 2.44 -19.64 14.44
CA THR C 89 2.49 -19.60 12.99
C THR C 89 1.87 -18.31 12.46
N SER C 90 2.35 -17.85 11.31
CA SER C 90 1.76 -16.73 10.60
C SER C 90 0.27 -16.96 10.38
N ALA C 91 -0.54 -15.93 10.65
CA ALA C 91 -1.97 -16.01 10.45
C ALA C 91 -2.34 -16.29 8.98
N ALA C 92 -1.39 -16.03 8.09
CA ALA C 92 -1.57 -16.38 6.67
C ALA C 92 -1.53 -17.89 6.41
N ASP C 93 -0.90 -18.65 7.31
CA ASP C 93 -0.77 -20.08 7.10
C ASP C 93 -2.04 -20.84 7.53
N ILE C 94 -3.00 -20.12 8.11
CA ILE C 94 -4.23 -20.74 8.58
C ILE C 94 -5.49 -19.95 8.24
N TRP C 95 -6.65 -20.60 8.35
CA TRP C 95 -7.92 -19.91 8.25
C TRP C 95 -8.06 -19.00 9.47
N THR C 96 -8.62 -17.81 9.26
CA THR C 96 -8.95 -16.94 10.37
C THR C 96 -10.32 -16.31 10.12
N PRO C 97 -11.02 -15.96 11.19
CA PRO C 97 -12.37 -15.43 11.03
C PRO C 97 -12.38 -13.97 10.57
N ASP C 98 -13.48 -13.60 9.93
CA ASP C 98 -13.70 -12.33 9.22
C ASP C 98 -14.23 -11.19 10.10
N ILE C 99 -14.08 -11.30 11.43
CA ILE C 99 -14.67 -10.31 12.34
C ILE C 99 -14.37 -8.86 11.95
N THR C 100 -15.44 -8.07 11.88
CA THR C 100 -15.40 -6.75 11.26
C THR C 100 -16.22 -5.77 12.07
N ALA C 101 -15.69 -4.57 12.29
CA ALA C 101 -16.48 -3.50 12.87
C ALA C 101 -17.59 -3.16 11.87
N TYR C 102 -18.82 -3.04 12.34
CA TYR C 102 -19.96 -2.82 11.47
C TYR C 102 -20.13 -1.34 11.13
N SER C 103 -19.38 -0.49 11.81
CA SER C 103 -19.66 0.94 11.80
C SER C 103 -18.38 1.77 11.67
N SER C 104 -17.34 1.15 11.15
CA SER C 104 -16.10 1.87 10.79
C SER C 104 -16.28 2.92 9.67
N THR C 105 -15.57 4.05 9.77
CA THR C 105 -15.49 5.04 8.70
C THR C 105 -14.21 5.00 7.86
N ARG C 106 -13.25 4.19 8.26
N ARG C 106 -13.25 4.19 8.26
CA ARG C 106 -12.03 3.99 7.48
CA ARG C 106 -12.04 3.98 7.49
C ARG C 106 -11.58 2.55 7.63
C ARG C 106 -11.59 2.54 7.61
N PRO C 107 -10.63 2.13 6.80
CA PRO C 107 -10.08 0.78 6.96
C PRO C 107 -9.33 0.67 8.28
N VAL C 108 -9.59 -0.41 9.03
CA VAL C 108 -8.88 -0.62 10.28
C VAL C 108 -7.39 -0.73 9.96
N GLN C 109 -6.56 -0.17 10.82
CA GLN C 109 -5.12 -0.29 10.64
C GLN C 109 -4.53 -1.23 11.69
N VAL C 110 -3.73 -2.17 11.20
CA VAL C 110 -3.18 -3.26 12.01
C VAL C 110 -1.88 -2.83 12.69
N LEU C 111 -1.86 -2.90 14.01
CA LEU C 111 -0.72 -2.43 14.79
C LEU C 111 0.24 -3.53 15.26
N SER C 112 -0.02 -4.78 14.93
CA SER C 112 0.80 -5.85 15.46
C SER C 112 1.05 -6.95 14.44
N PRO C 113 2.13 -7.73 14.63
CA PRO C 113 2.43 -8.89 13.77
C PRO C 113 1.20 -9.80 13.69
N GLN C 114 0.95 -10.40 12.53
CA GLN C 114 -0.18 -11.31 12.50
C GLN C 114 0.41 -12.70 12.60
N ILE C 115 0.31 -13.25 13.80
CA ILE C 115 0.89 -14.53 14.11
C ILE C 115 -0.06 -15.12 15.14
N ALA C 116 -0.36 -16.41 15.01
CA ALA C 116 -1.31 -17.03 15.93
C ALA C 116 -0.64 -18.18 16.68
N VAL C 117 -1.25 -18.58 17.79
CA VAL C 117 -0.80 -19.75 18.55
C VAL C 117 -1.77 -20.90 18.32
N VAL C 118 -1.25 -22.00 17.79
CA VAL C 118 -2.06 -23.19 17.57
C VAL C 118 -1.63 -24.24 18.58
N THR C 119 -2.59 -24.88 19.25
CA THR C 119 -2.27 -25.89 20.27
C THR C 119 -2.82 -27.24 19.84
N HIS C 120 -2.26 -28.32 20.39
CA HIS C 120 -2.48 -29.69 19.90
C HIS C 120 -3.96 -30.12 19.84
N ASP C 121 -4.79 -29.48 20.65
CA ASP C 121 -6.21 -29.83 20.69
C ASP C 121 -7.00 -29.13 19.57
N GLY C 122 -6.31 -28.37 18.72
CA GLY C 122 -6.96 -27.71 17.60
C GLY C 122 -7.33 -26.26 17.89
N SER C 123 -7.10 -25.83 19.12
CA SER C 123 -7.36 -24.46 19.52
C SER C 123 -6.46 -23.47 18.78
N VAL C 124 -7.04 -22.36 18.36
CA VAL C 124 -6.24 -21.25 17.83
C VAL C 124 -6.51 -19.99 18.61
N MET C 125 -5.44 -19.27 18.95
CA MET C 125 -5.53 -18.02 19.68
C MET C 125 -4.78 -16.91 18.92
N PHE C 126 -5.44 -15.79 18.71
CA PHE C 126 -4.91 -14.71 17.87
C PHE C 126 -5.30 -13.34 18.48
N ILE C 127 -4.33 -12.42 18.55
CA ILE C 127 -4.57 -11.13 19.19
C ILE C 127 -4.09 -9.93 18.34
N PRO C 128 -4.83 -9.59 17.28
CA PRO C 128 -4.50 -8.39 16.50
C PRO C 128 -4.76 -7.12 17.31
N ALA C 129 -3.77 -6.24 17.32
CA ALA C 129 -3.92 -4.89 17.82
C ALA C 129 -4.34 -4.01 16.63
N GLN C 130 -5.26 -3.08 16.86
CA GLN C 130 -5.85 -2.32 15.77
C GLN C 130 -6.11 -0.87 16.17
N ARG C 131 -6.04 0.03 15.18
CA ARG C 131 -6.58 1.37 15.34
C ARG C 131 -7.81 1.51 14.46
N LEU C 132 -8.90 2.00 15.04
CA LEU C 132 -10.21 2.00 14.39
C LEU C 132 -10.85 3.39 14.44
N SER C 133 -11.31 3.88 13.28
CA SER C 133 -12.17 5.06 13.24
C SER C 133 -13.59 4.60 13.03
N PHE C 134 -14.50 5.00 13.92
CA PHE C 134 -15.86 4.52 13.82
C PHE C 134 -16.88 5.63 14.13
N MET C 135 -18.16 5.37 13.84
CA MET C 135 -19.15 6.43 13.91
C MET C 135 -19.51 6.61 15.37
N CYS C 136 -19.22 7.80 15.87
CA CYS C 136 -19.52 8.13 17.25
C CYS C 136 -19.71 9.63 17.39
N ASP C 137 -20.68 10.04 18.20
CA ASP C 137 -20.95 11.44 18.48
C ASP C 137 -20.50 11.71 19.92
N PRO C 138 -19.42 12.47 20.07
CA PRO C 138 -18.82 12.71 21.37
C PRO C 138 -19.55 13.74 22.24
N THR C 139 -20.54 14.43 21.66
CA THR C 139 -21.27 15.46 22.40
C THR C 139 -21.55 14.99 23.83
N GLY C 140 -21.20 15.84 24.80
CA GLY C 140 -21.32 15.50 26.21
C GLY C 140 -20.04 14.98 26.82
N VAL C 141 -19.00 14.81 26.01
CA VAL C 141 -17.75 14.24 26.51
C VAL C 141 -17.09 15.15 27.55
N ASP C 142 -17.44 16.43 27.52
CA ASP C 142 -16.93 17.43 28.46
C ASP C 142 -17.84 17.65 29.69
N SER C 143 -18.89 16.85 29.81
CA SER C 143 -19.75 16.95 30.98
C SER C 143 -19.44 15.80 31.94
N GLU C 144 -20.11 15.78 33.07
CA GLU C 144 -19.85 14.75 34.06
C GLU C 144 -20.34 13.38 33.58
N GLU C 145 -21.43 13.38 32.84
CA GLU C 145 -21.99 12.14 32.30
C GLU C 145 -21.12 11.58 31.18
N GLY C 146 -20.33 12.45 30.56
CA GLY C 146 -19.47 12.04 29.48
C GLY C 146 -20.27 11.74 28.22
N ALA C 147 -19.64 11.01 27.30
CA ALA C 147 -20.29 10.63 26.06
C ALA C 147 -20.35 9.11 25.95
N THR C 148 -21.31 8.63 25.18
CA THR C 148 -21.44 7.20 24.98
C THR C 148 -21.42 6.86 23.50
N CYS C 149 -20.60 5.89 23.15
CA CYS C 149 -20.62 5.36 21.78
C CYS C 149 -20.56 3.83 21.75
N ALA C 150 -21.04 3.26 20.66
CA ALA C 150 -21.10 1.82 20.51
C ALA C 150 -20.77 1.42 19.08
N VAL C 151 -20.10 0.28 18.96
CA VAL C 151 -19.76 -0.28 17.67
C VAL C 151 -19.86 -1.80 17.80
N LYS C 152 -20.48 -2.43 16.80
CA LYS C 152 -20.65 -3.86 16.79
C LYS C 152 -19.52 -4.53 16.03
N PHE C 153 -19.07 -5.68 16.53
CA PHE C 153 -18.11 -6.50 15.80
C PHE C 153 -18.73 -7.82 15.49
N GLY C 154 -18.56 -8.29 14.27
CA GLY C 154 -19.11 -9.57 13.89
C GLY C 154 -18.51 -10.05 12.59
N SER C 155 -18.79 -11.31 12.26
CA SER C 155 -18.49 -11.82 10.93
C SER C 155 -19.28 -11.02 9.94
N TRP C 156 -18.66 -10.71 8.81
CA TRP C 156 -19.33 -9.97 7.76
C TRP C 156 -20.19 -10.87 6.86
N VAL C 157 -19.63 -12.01 6.49
CA VAL C 157 -20.30 -12.94 5.58
C VAL C 157 -20.97 -14.19 6.21
N TYR C 158 -20.83 -14.38 7.52
CA TYR C 158 -21.30 -15.63 8.13
C TYR C 158 -22.44 -15.42 9.11
N SER C 159 -23.56 -16.09 8.88
CA SER C 159 -24.71 -16.00 9.78
C SER C 159 -24.46 -16.77 11.10
N GLY C 160 -25.43 -16.66 12.00
CA GLY C 160 -25.37 -17.36 13.27
C GLY C 160 -25.37 -18.87 13.10
N PHE C 161 -25.84 -19.34 11.95
CA PHE C 161 -25.89 -20.77 11.68
C PHE C 161 -24.51 -21.33 11.31
N GLU C 162 -23.54 -20.44 11.12
CA GLU C 162 -22.19 -20.79 10.66
C GLU C 162 -21.11 -20.40 11.68
N ILE C 163 -21.07 -19.11 12.00
CA ILE C 163 -20.22 -18.62 13.08
C ILE C 163 -21.02 -18.08 14.26
N ASP C 164 -20.77 -18.65 15.44
CA ASP C 164 -21.34 -18.13 16.66
C ASP C 164 -20.26 -17.31 17.37
N LEU C 165 -20.70 -16.30 18.13
CA LEU C 165 -19.82 -15.41 18.87
C LEU C 165 -20.04 -15.53 20.38
N LYS C 166 -18.95 -15.56 21.13
CA LYS C 166 -19.02 -15.74 22.57
C LYS C 166 -18.11 -14.72 23.23
N THR C 167 -18.45 -14.31 24.45
CA THR C 167 -17.50 -13.60 25.29
C THR C 167 -17.28 -14.37 26.59
N ASP C 168 -16.09 -14.28 27.17
CA ASP C 168 -15.86 -14.82 28.52
C ASP C 168 -16.41 -13.90 29.60
N THR C 169 -16.44 -12.60 29.31
CA THR C 169 -16.95 -11.62 30.27
C THR C 169 -17.50 -10.44 29.50
N ASP C 170 -18.48 -9.76 30.07
CA ASP C 170 -19.08 -8.60 29.42
C ASP C 170 -18.31 -7.32 29.76
N GLN C 171 -17.23 -7.46 30.52
CA GLN C 171 -16.38 -6.32 30.86
C GLN C 171 -15.16 -6.26 29.93
N VAL C 172 -15.02 -5.14 29.23
CA VAL C 172 -13.83 -4.89 28.45
C VAL C 172 -12.64 -4.84 29.40
N ASP C 173 -11.51 -5.37 28.97
CA ASP C 173 -10.34 -5.28 29.83
C ASP C 173 -9.75 -3.86 29.71
N LEU C 174 -9.79 -3.14 30.84
CA LEU C 174 -9.32 -1.77 30.93
C LEU C 174 -7.94 -1.64 31.55
N SER C 175 -7.34 -2.77 31.88
CA SER C 175 -6.16 -2.77 32.74
C SER C 175 -4.92 -2.27 32.04
N SER C 176 -4.93 -2.29 30.71
CA SER C 176 -3.92 -1.63 29.88
C SER C 176 -4.30 -0.24 29.36
N TYR C 177 -5.45 0.30 29.77
CA TYR C 177 -5.82 1.62 29.25
C TYR C 177 -4.76 2.68 29.58
N TYR C 178 -4.46 3.54 28.60
CA TYR C 178 -3.38 4.50 28.72
C TYR C 178 -3.77 5.57 29.75
N ALA C 179 -2.94 5.70 30.79
CA ALA C 179 -3.35 6.49 31.95
C ALA C 179 -3.33 7.99 31.65
N SER C 180 -2.50 8.37 30.69
CA SER C 180 -2.37 9.75 30.23
C SER C 180 -3.22 10.14 29.03
N SER C 181 -4.15 9.26 28.65
CA SER C 181 -5.03 9.53 27.52
C SER C 181 -5.77 10.85 27.69
N LYS C 182 -6.06 11.50 26.57
CA LYS C 182 -6.89 12.70 26.61
C LYS C 182 -8.28 12.39 27.17
N TYR C 183 -8.68 11.13 27.05
CA TYR C 183 -9.98 10.72 27.51
C TYR C 183 -9.87 9.60 28.53
N GLU C 184 -10.72 9.67 29.55
CA GLU C 184 -10.77 8.63 30.57
C GLU C 184 -12.03 7.80 30.35
N ILE C 185 -11.93 6.51 30.66
CA ILE C 185 -13.04 5.59 30.47
C ILE C 185 -13.91 5.53 31.72
N LEU C 186 -15.19 5.75 31.55
CA LEU C 186 -16.15 5.61 32.65
C LEU C 186 -16.59 4.15 32.71
N SER C 187 -17.22 3.67 31.63
CA SER C 187 -17.48 2.24 31.48
C SER C 187 -17.20 1.74 30.04
N ALA C 188 -16.79 0.47 29.93
CA ALA C 188 -16.68 -0.20 28.64
C ALA C 188 -17.21 -1.61 28.78
N THR C 189 -18.20 -1.95 27.97
CA THR C 189 -18.79 -3.27 28.01
C THR C 189 -18.79 -3.91 26.62
N GLN C 190 -18.68 -5.24 26.61
CA GLN C 190 -18.75 -6.04 25.39
C GLN C 190 -19.85 -7.08 25.55
N THR C 191 -20.91 -6.96 24.76
CA THR C 191 -22.08 -7.80 24.90
C THR C 191 -22.45 -8.51 23.59
N ARG C 192 -22.75 -9.80 23.67
CA ARG C 192 -23.20 -10.57 22.52
C ARG C 192 -24.60 -10.13 22.14
N GLN C 193 -24.84 -10.00 20.82
CA GLN C 193 -26.16 -9.66 20.32
C GLN C 193 -26.52 -10.51 19.11
N VAL C 194 -27.83 -10.66 18.88
CA VAL C 194 -28.34 -11.38 17.73
C VAL C 194 -29.18 -10.42 16.90
N GLN C 195 -28.78 -10.16 15.65
CA GLN C 195 -29.41 -9.13 14.83
C GLN C 195 -29.79 -9.65 13.44
N HIS C 196 -30.88 -9.11 12.87
CA HIS C 196 -31.28 -9.43 11.50
C HIS C 196 -31.00 -8.27 10.55
N TYR C 197 -30.67 -8.59 9.29
CA TYR C 197 -30.38 -7.55 8.31
C TYR C 197 -31.13 -7.73 7.01
N SER C 198 -31.38 -6.59 6.35
CA SER C 198 -32.14 -6.54 5.11
C SER C 198 -31.66 -7.57 4.09
N CYS C 199 -30.35 -7.71 3.97
CA CYS C 199 -29.74 -8.54 2.93
C CYS C 199 -30.11 -10.02 3.04
N CYS C 200 -30.27 -10.51 4.26
CA CYS C 200 -30.34 -11.95 4.51
C CYS C 200 -31.42 -12.30 5.52
N PRO C 201 -32.03 -13.48 5.34
CA PRO C 201 -33.01 -13.99 6.30
C PRO C 201 -32.37 -14.51 7.60
N GLU C 202 -31.14 -15.01 7.50
CA GLU C 202 -30.46 -15.62 8.64
C GLU C 202 -29.94 -14.57 9.62
N PRO C 203 -30.07 -14.85 10.93
CA PRO C 203 -29.55 -13.98 11.99
C PRO C 203 -28.03 -13.95 12.01
N TYR C 204 -27.47 -12.77 12.23
CA TYR C 204 -26.02 -12.62 12.39
C TYR C 204 -25.71 -12.30 13.84
N ILE C 205 -24.55 -12.73 14.32
CA ILE C 205 -24.19 -12.44 15.70
C ILE C 205 -23.11 -11.36 15.78
N ASP C 206 -23.23 -10.48 16.77
CA ASP C 206 -22.20 -9.48 17.01
C ASP C 206 -21.91 -9.36 18.50
N VAL C 207 -20.74 -8.82 18.78
CA VAL C 207 -20.38 -8.36 20.11
C VAL C 207 -20.40 -6.84 20.07
N ASN C 208 -21.33 -6.26 20.82
CA ASN C 208 -21.47 -4.82 20.88
C ASN C 208 -20.53 -4.25 21.90
N LEU C 209 -19.61 -3.41 21.44
CA LEU C 209 -18.66 -2.75 22.34
C LEU C 209 -19.19 -1.36 22.66
N VAL C 210 -19.49 -1.11 23.93
CA VAL C 210 -20.07 0.17 24.35
C VAL C 210 -19.11 0.91 25.26
N VAL C 211 -18.72 2.12 24.86
CA VAL C 211 -17.76 2.88 25.63
C VAL C 211 -18.34 4.19 26.11
N LYS C 212 -18.19 4.46 27.39
CA LYS C 212 -18.62 5.70 28.01
CA LYS C 212 -18.61 5.71 27.96
C LYS C 212 -17.38 6.43 28.48
N PHE C 213 -17.15 7.64 27.97
CA PHE C 213 -15.88 8.28 28.20
C PHE C 213 -16.08 9.78 28.31
N ARG C 214 -15.08 10.46 28.87
CA ARG C 214 -15.18 11.89 29.06
C ARG C 214 -13.80 12.51 29.12
N GLU C 215 -13.72 13.82 28.97
CA GLU C 215 -12.44 14.51 28.99
C GLU C 215 -11.75 14.37 30.34
N ARG C 216 -10.43 14.16 30.30
CA ARG C 216 -9.62 14.11 31.51
C ARG C 216 -9.29 15.51 32.02
N ASP D 1 43.14 -8.63 -15.92
CA ASP D 1 43.88 -9.89 -15.87
C ASP D 1 42.93 -11.08 -15.77
N TYR D 2 43.10 -12.04 -16.68
CA TYR D 2 42.22 -13.20 -16.75
C TYR D 2 42.01 -13.82 -15.38
N LYS D 3 43.11 -14.00 -14.65
CA LYS D 3 43.07 -14.59 -13.31
C LYS D 3 42.16 -13.78 -12.39
N ASP D 4 42.38 -12.47 -12.34
CA ASP D 4 41.55 -11.62 -11.50
C ASP D 4 40.07 -11.67 -11.87
N ASP D 5 39.79 -11.68 -13.15
CA ASP D 5 38.41 -11.76 -13.62
C ASP D 5 37.82 -13.12 -13.27
N ASP D 6 38.66 -14.14 -13.31
CA ASP D 6 38.23 -15.47 -12.93
C ASP D 6 38.01 -15.54 -11.41
N ASP D 7 38.82 -14.80 -10.66
CA ASP D 7 38.66 -14.73 -9.22
C ASP D 7 37.31 -14.11 -8.83
N LYS D 8 36.98 -12.98 -9.44
CA LYS D 8 35.71 -12.32 -9.17
C LYS D 8 34.54 -13.23 -9.50
N LEU D 9 34.63 -13.93 -10.62
CA LEU D 9 33.59 -14.87 -11.00
C LEU D 9 33.40 -15.95 -9.95
N HIS D 10 34.51 -16.39 -9.35
CA HIS D 10 34.46 -17.49 -8.40
C HIS D 10 33.79 -17.06 -7.10
N SER D 11 34.14 -15.88 -6.62
CA SER D 11 33.52 -15.33 -5.42
C SER D 11 31.98 -15.32 -5.57
N GLN D 12 31.49 -14.80 -6.70
CA GLN D 12 30.06 -14.80 -6.99
C GLN D 12 29.45 -16.18 -6.92
N ALA D 13 30.02 -17.10 -7.69
CA ALA D 13 29.52 -18.46 -7.67
C ALA D 13 29.54 -18.99 -6.24
N ASN D 14 30.59 -18.68 -5.50
CA ASN D 14 30.69 -19.14 -4.11
C ASN D 14 29.56 -18.60 -3.24
N LEU D 15 29.26 -17.33 -3.40
CA LEU D 15 28.22 -16.67 -2.61
C LEU D 15 26.85 -17.26 -2.90
N MET D 16 26.55 -17.48 -4.17
CA MET D 16 25.24 -18.02 -4.53
C MET D 16 25.10 -19.43 -3.98
N ARG D 17 26.17 -20.19 -4.06
CA ARG D 17 26.17 -21.57 -3.57
C ARG D 17 25.87 -21.57 -2.07
N LEU D 18 26.58 -20.71 -1.33
CA LEU D 18 26.32 -20.54 0.10
C LEU D 18 24.87 -20.19 0.39
N LYS D 19 24.31 -19.22 -0.33
CA LYS D 19 22.94 -18.78 -0.08
C LYS D 19 21.90 -19.86 -0.39
N SER D 20 22.12 -20.59 -1.48
CA SER D 20 21.21 -21.67 -1.87
C SER D 20 21.26 -22.82 -0.87
N ASP D 21 22.46 -23.12 -0.38
CA ASP D 21 22.67 -24.17 0.60
C ASP D 21 21.94 -23.87 1.92
N LEU D 22 22.12 -22.65 2.45
CA LEU D 22 21.53 -22.25 3.72
C LEU D 22 20.00 -22.18 3.67
N PHE D 23 19.49 -21.66 2.56
CA PHE D 23 18.07 -21.42 2.42
C PHE D 23 17.37 -22.70 2.00
N ASN D 24 18.16 -23.79 1.94
CA ASN D 24 17.64 -25.16 1.92
C ASN D 24 18.19 -25.98 3.11
N MET D 28 11.87 -23.65 6.21
CA MET D 28 12.64 -22.62 6.90
C MET D 28 12.61 -22.79 8.43
N TYR D 29 13.52 -22.09 9.11
CA TYR D 29 13.61 -22.11 10.57
C TYR D 29 12.27 -21.67 11.17
N PRO D 30 11.71 -22.54 12.02
CA PRO D 30 10.34 -22.48 12.55
C PRO D 30 10.11 -21.32 13.52
N GLY D 31 11.18 -20.72 14.00
CA GLY D 31 11.08 -19.76 15.10
C GLY D 31 11.49 -20.43 16.41
N PRO D 32 11.77 -19.61 17.44
CA PRO D 32 12.23 -20.14 18.74
C PRO D 32 11.16 -20.91 19.52
N THR D 33 11.60 -21.70 20.49
CA THR D 33 10.68 -22.52 21.28
C THR D 33 11.12 -22.51 22.73
N LYS D 34 10.28 -22.98 23.63
CA LYS D 34 10.66 -23.12 25.03
C LYS D 34 11.82 -24.10 25.17
N ASP D 35 11.90 -25.03 24.22
CA ASP D 35 12.98 -26.01 24.15
C ASP D 35 14.24 -25.34 23.64
N ASP D 36 14.05 -24.40 22.71
CA ASP D 36 15.14 -23.74 21.99
C ASP D 36 14.98 -22.22 22.00
N PRO D 37 15.18 -21.60 23.18
CA PRO D 37 14.95 -20.16 23.30
C PRO D 37 16.02 -19.33 22.61
N LEU D 38 15.67 -18.09 22.29
CA LEU D 38 16.53 -17.23 21.51
C LEU D 38 16.66 -15.89 22.20
N THR D 39 17.88 -15.36 22.24
CA THR D 39 18.08 -14.03 22.78
C THR D 39 18.29 -13.01 21.66
N VAL D 40 17.48 -11.97 21.65
CA VAL D 40 17.64 -10.87 20.71
C VAL D 40 18.25 -9.70 21.40
N THR D 41 19.39 -9.22 20.90
CA THR D 41 19.97 -8.01 21.45
C THR D 41 19.44 -6.77 20.68
N LEU D 42 19.13 -5.72 21.43
CA LEU D 42 18.37 -4.59 20.95
C LEU D 42 19.02 -3.32 21.48
N GLY D 43 19.09 -2.31 20.62
CA GLY D 43 19.50 -0.98 21.03
C GLY D 43 18.88 0.04 20.08
N PHE D 44 18.70 1.26 20.58
CA PHE D 44 17.99 2.29 19.83
C PHE D 44 18.89 3.46 19.53
N THR D 45 18.77 3.98 18.31
CA THR D 45 19.44 5.21 17.93
C THR D 45 18.35 6.21 17.61
N LEU D 46 18.23 7.26 18.42
CA LEU D 46 17.12 8.19 18.27
C LEU D 46 17.56 9.34 17.38
N GLN D 47 16.95 9.43 16.20
CA GLN D 47 17.30 10.53 15.30
C GLN D 47 16.54 11.83 15.56
N ASP D 48 15.23 11.72 15.75
CA ASP D 48 14.43 12.93 15.83
C ASP D 48 13.14 12.71 16.58
N ILE D 49 12.69 13.71 17.32
CA ILE D 49 11.31 13.72 17.76
C ILE D 49 10.65 14.71 16.82
N VAL D 50 9.83 14.21 15.91
CA VAL D 50 9.31 15.02 14.82
C VAL D 50 8.17 15.89 15.27
N LYS D 51 7.23 15.28 15.98
CA LYS D 51 6.00 15.97 16.35
C LYS D 51 5.50 15.51 17.71
N ALA D 52 4.98 16.46 18.48
CA ALA D 52 4.34 16.16 19.76
C ALA D 52 2.96 16.76 19.71
N ASP D 53 1.93 15.92 19.74
CA ASP D 53 0.59 16.41 19.49
C ASP D 53 -0.19 16.43 20.78
N SER D 54 -0.44 17.63 21.29
CA SER D 54 -1.04 17.79 22.62
C SER D 54 -2.55 17.67 22.52
N SER D 55 -3.06 17.66 21.28
CA SER D 55 -4.49 17.49 21.10
C SER D 55 -4.93 16.01 21.19
N THR D 56 -4.11 15.10 20.65
CA THR D 56 -4.32 13.66 20.84
C THR D 56 -3.45 12.87 21.83
N ASN D 57 -2.48 13.52 22.48
CA ASN D 57 -1.43 12.79 23.21
C ASN D 57 -0.75 11.63 22.43
N GLU D 58 -0.32 11.95 21.21
CA GLU D 58 0.52 11.10 20.39
C GLU D 58 1.82 11.82 20.10
N VAL D 59 2.92 11.10 20.15
CA VAL D 59 4.21 11.70 19.81
C VAL D 59 4.88 10.87 18.71
N ASP D 60 5.55 11.56 17.79
CA ASP D 60 6.14 10.92 16.61
C ASP D 60 7.68 10.82 16.71
N LEU D 61 8.24 9.62 16.63
CA LEU D 61 9.69 9.48 16.69
C LEU D 61 10.22 8.91 15.38
N VAL D 62 11.44 9.29 15.05
CA VAL D 62 12.22 8.60 14.04
C VAL D 62 13.46 8.03 14.71
N TYR D 63 13.72 6.75 14.50
CA TYR D 63 14.84 6.05 15.14
C TYR D 63 15.18 4.84 14.30
N TYR D 64 16.34 4.25 14.54
CA TYR D 64 16.53 2.88 14.08
C TYR D 64 16.90 1.91 15.22
N GLU D 65 16.35 0.70 15.15
CA GLU D 65 16.66 -0.36 16.10
C GLU D 65 17.73 -1.27 15.55
N GLN D 66 18.81 -1.47 16.30
CA GLN D 66 19.72 -2.54 15.99
C GLN D 66 19.20 -3.83 16.62
N GLN D 67 18.97 -4.83 15.78
CA GLN D 67 18.61 -6.16 16.26
C GLN D 67 19.73 -7.11 15.92
N ARG D 68 20.13 -7.90 16.92
CA ARG D 68 21.12 -8.96 16.75
C ARG D 68 20.67 -10.25 17.44
N TRP D 69 20.88 -11.37 16.75
CA TRP D 69 20.61 -12.68 17.28
C TRP D 69 21.51 -13.68 16.58
N LYS D 70 21.41 -14.95 16.95
CA LYS D 70 22.29 -15.99 16.41
C LYS D 70 21.56 -17.32 16.22
N LEU D 71 21.78 -17.95 15.08
CA LEU D 71 21.14 -19.22 14.82
C LEU D 71 22.13 -20.24 14.32
N ASN D 72 22.02 -21.47 14.81
CA ASN D 72 22.87 -22.57 14.36
C ASN D 72 22.70 -22.88 12.87
N SER D 73 21.45 -22.90 12.41
CA SER D 73 21.14 -23.15 11.02
C SER D 73 21.70 -22.10 10.03
N LEU D 74 22.18 -20.97 10.54
CA LEU D 74 22.86 -19.96 9.70
C LEU D 74 24.38 -20.05 9.73
N MET D 75 24.91 -21.02 10.47
CA MET D 75 26.36 -21.21 10.54
C MET D 75 26.93 -21.79 9.25
N TRP D 76 28.18 -21.44 8.94
CA TRP D 76 28.91 -22.12 7.88
C TRP D 76 30.40 -21.98 8.10
N ASP D 77 31.17 -22.84 7.45
CA ASP D 77 32.62 -22.78 7.45
C ASP D 77 33.06 -21.96 6.24
N PRO D 78 33.74 -20.83 6.49
CA PRO D 78 34.17 -19.97 5.38
C PRO D 78 35.16 -20.64 4.42
N ASN D 79 36.03 -21.52 4.92
CA ASN D 79 37.01 -22.18 4.07
C ASN D 79 36.39 -23.15 3.05
N GLU D 80 35.17 -23.61 3.33
CA GLU D 80 34.41 -24.41 2.37
C GLU D 80 33.79 -23.51 1.30
N TYR D 81 33.64 -22.23 1.62
CA TYR D 81 33.00 -21.28 0.71
C TYR D 81 33.92 -20.12 0.36
N GLY D 82 35.21 -20.41 0.25
CA GLY D 82 36.15 -19.48 -0.34
C GLY D 82 36.35 -18.21 0.45
N ASN D 83 36.47 -18.38 1.76
CA ASN D 83 36.74 -17.31 2.69
C ASN D 83 35.62 -16.28 2.83
N ILE D 84 34.38 -16.72 2.67
CA ILE D 84 33.27 -15.79 2.80
C ILE D 84 32.83 -15.81 4.26
N THR D 85 33.14 -14.71 4.93
CA THR D 85 32.83 -14.50 6.34
C THR D 85 31.39 -14.06 6.62
N ASP D 86 30.84 -13.24 5.72
CA ASP D 86 29.51 -12.65 5.89
C ASP D 86 28.85 -12.29 4.56
N PHE D 87 27.54 -12.10 4.59
CA PHE D 87 26.82 -11.59 3.43
C PHE D 87 25.55 -10.79 3.77
N ARG D 88 25.23 -9.81 2.95
CA ARG D 88 23.95 -9.10 3.08
C ARG D 88 22.87 -9.84 2.30
N THR D 89 21.68 -9.92 2.87
CA THR D 89 20.61 -10.67 2.24
C THR D 89 19.28 -10.02 2.58
N SER D 90 18.33 -10.11 1.67
CA SER D 90 17.00 -9.57 1.94
C SER D 90 16.43 -10.13 3.24
N ALA D 91 15.83 -9.26 4.05
CA ALA D 91 15.30 -9.70 5.35
C ALA D 91 14.12 -10.68 5.20
N ALA D 92 13.47 -10.65 4.03
CA ALA D 92 12.44 -11.64 3.74
C ALA D 92 13.01 -13.04 3.54
N ASP D 93 14.32 -13.14 3.34
CA ASP D 93 14.96 -14.42 3.07
C ASP D 93 15.13 -15.27 4.33
N ILE D 94 15.07 -14.62 5.48
CA ILE D 94 15.35 -15.27 6.77
C ILE D 94 14.29 -14.99 7.82
N TRP D 95 14.34 -15.75 8.90
CA TRP D 95 13.47 -15.46 10.02
C TRP D 95 13.90 -14.15 10.66
N THR D 96 12.94 -13.33 11.07
CA THR D 96 13.25 -12.17 11.89
C THR D 96 12.32 -12.07 13.08
N PRO D 97 12.81 -11.47 14.15
CA PRO D 97 11.95 -11.32 15.34
C PRO D 97 10.82 -10.29 15.11
N ASP D 98 9.72 -10.51 15.80
CA ASP D 98 8.43 -9.79 15.69
C ASP D 98 8.39 -8.54 16.59
N ILE D 99 9.55 -8.07 17.03
CA ILE D 99 9.61 -6.97 17.99
C ILE D 99 8.70 -5.82 17.57
N THR D 100 7.93 -5.34 18.55
CA THR D 100 6.81 -4.43 18.32
C THR D 100 6.70 -3.41 19.44
N ALA D 101 6.42 -2.16 19.09
CA ALA D 101 6.05 -1.18 20.12
C ALA D 101 4.71 -1.59 20.71
N TYR D 102 4.61 -1.54 22.02
CA TYR D 102 3.39 -1.97 22.71
C TYR D 102 2.34 -0.87 22.74
N SER D 103 2.76 0.35 22.41
CA SER D 103 1.94 1.53 22.68
C SER D 103 1.88 2.45 21.47
N SER D 104 2.14 1.90 20.30
CA SER D 104 1.91 2.63 19.03
C SER D 104 0.45 2.99 18.77
N THR D 105 0.22 4.19 18.21
CA THR D 105 -1.13 4.52 17.73
C THR D 105 -1.38 4.41 16.22
N ARG D 106 -0.32 4.16 15.45
N ARG D 106 -0.32 4.15 15.46
CA ARG D 106 -0.44 4.01 14.00
CA ARG D 106 -0.39 4.04 14.00
C ARG D 106 0.58 3.00 13.52
C ARG D 106 0.57 2.97 13.55
N PRO D 107 0.30 2.34 12.39
CA PRO D 107 1.27 1.37 11.87
C PRO D 107 2.63 2.06 11.73
N VAL D 108 3.69 1.36 12.10
CA VAL D 108 5.03 1.89 11.94
C VAL D 108 5.35 2.03 10.46
N GLN D 109 6.05 3.10 10.09
CA GLN D 109 6.44 3.29 8.71
C GLN D 109 7.92 2.99 8.58
N VAL D 110 8.25 2.16 7.60
CA VAL D 110 9.62 1.73 7.42
C VAL D 110 10.40 2.68 6.51
N LEU D 111 11.47 3.25 7.05
CA LEU D 111 12.31 4.23 6.37
C LEU D 111 13.60 3.71 5.71
N SER D 112 13.90 2.42 5.89
CA SER D 112 15.15 1.87 5.42
C SER D 112 14.89 0.58 4.62
N PRO D 113 15.85 0.18 3.77
CA PRO D 113 15.73 -1.08 3.03
C PRO D 113 15.74 -2.22 4.02
N GLN D 114 15.00 -3.30 3.78
CA GLN D 114 15.02 -4.35 4.77
C GLN D 114 15.97 -5.41 4.25
N ILE D 115 17.17 -5.36 4.78
CA ILE D 115 18.27 -6.20 4.36
C ILE D 115 19.11 -6.38 5.60
N ALA D 116 19.64 -7.57 5.80
CA ALA D 116 20.35 -7.89 7.02
C ALA D 116 21.72 -8.46 6.69
N VAL D 117 22.65 -8.38 7.64
CA VAL D 117 23.92 -9.06 7.50
C VAL D 117 23.95 -10.37 8.27
N VAL D 118 24.35 -11.44 7.59
CA VAL D 118 24.48 -12.77 8.16
C VAL D 118 25.96 -13.17 8.20
N THR D 119 26.43 -13.63 9.35
CA THR D 119 27.84 -13.97 9.52
C THR D 119 28.01 -15.47 9.74
N HIS D 120 29.19 -15.99 9.42
CA HIS D 120 29.47 -17.44 9.43
C HIS D 120 29.28 -18.13 10.80
N ASP D 121 29.30 -17.37 11.88
CA ASP D 121 29.01 -17.96 13.19
C ASP D 121 27.50 -18.05 13.46
N GLY D 122 26.68 -17.65 12.48
CA GLY D 122 25.24 -17.71 12.61
C GLY D 122 24.65 -16.40 13.13
N SER D 123 25.52 -15.43 13.36
CA SER D 123 25.09 -14.08 13.76
C SER D 123 24.28 -13.36 12.68
N VAL D 124 23.27 -12.63 13.12
CA VAL D 124 22.49 -11.80 12.23
C VAL D 124 22.32 -10.41 12.81
N MET D 125 22.62 -9.41 11.99
CA MET D 125 22.37 -8.02 12.34
C MET D 125 21.38 -7.37 11.39
N PHE D 126 20.44 -6.62 11.94
CA PHE D 126 19.37 -6.00 11.19
C PHE D 126 19.09 -4.62 11.82
N ILE D 127 19.03 -3.58 10.99
CA ILE D 127 18.80 -2.22 11.52
C ILE D 127 17.69 -1.48 10.77
N PRO D 128 16.42 -1.84 11.04
CA PRO D 128 15.30 -1.10 10.49
C PRO D 128 15.18 0.30 11.11
N ALA D 129 15.03 1.30 10.24
CA ALA D 129 14.74 2.66 10.65
C ALA D 129 13.24 2.91 10.53
N GLN D 130 12.66 3.60 11.51
CA GLN D 130 11.21 3.66 11.61
C GLN D 130 10.75 5.04 12.07
N ARG D 131 9.56 5.43 11.64
CA ARG D 131 8.83 6.54 12.24
C ARG D 131 7.65 5.94 12.99
N LEU D 132 7.52 6.29 14.27
CA LEU D 132 6.49 5.70 15.14
C LEU D 132 5.64 6.79 15.81
N SER D 133 4.33 6.64 15.76
CA SER D 133 3.46 7.42 16.64
C SER D 133 3.17 6.49 17.82
N PHE D 134 3.30 7.00 19.03
CA PHE D 134 2.95 6.24 20.24
C PHE D 134 2.29 7.15 21.30
N MET D 135 1.74 6.53 22.33
CA MET D 135 0.91 7.24 23.30
C MET D 135 1.81 7.98 24.25
N CYS D 136 1.70 9.30 24.23
CA CYS D 136 2.54 10.12 25.07
C CYS D 136 1.83 11.42 25.35
N ASP D 137 1.91 11.90 26.59
CA ASP D 137 1.33 13.18 26.98
C ASP D 137 2.45 14.20 27.00
N PRO D 138 2.50 15.11 26.01
CA PRO D 138 3.63 16.03 26.10
C PRO D 138 3.31 17.28 26.92
N THR D 139 2.69 17.11 28.09
CA THR D 139 2.41 18.26 28.93
C THR D 139 3.71 18.63 29.64
N GLY D 140 4.06 19.91 29.60
CA GLY D 140 5.30 20.37 30.23
C GLY D 140 6.49 20.34 29.31
N VAL D 141 6.24 20.07 28.03
CA VAL D 141 7.33 19.99 27.05
C VAL D 141 8.01 21.35 26.90
N ASP D 142 7.25 22.40 27.23
CA ASP D 142 7.68 23.79 27.12
C ASP D 142 8.36 24.28 28.39
N SER D 143 8.64 23.36 29.31
CA SER D 143 9.19 23.68 30.61
C SER D 143 10.63 23.21 30.71
N GLU D 144 11.38 23.84 31.61
CA GLU D 144 12.81 23.53 31.77
C GLU D 144 13.09 22.03 31.97
N GLU D 145 12.20 21.32 32.64
CA GLU D 145 12.38 19.89 32.85
C GLU D 145 11.72 19.06 31.74
N GLY D 146 11.04 19.74 30.82
CA GLY D 146 10.39 19.06 29.70
C GLY D 146 9.34 18.03 30.10
N ALA D 147 9.03 17.16 29.16
CA ALA D 147 8.03 16.12 29.36
C ALA D 147 8.69 14.75 29.31
N THR D 148 8.05 13.75 29.90
CA THR D 148 8.65 12.43 29.92
C THR D 148 7.71 11.42 29.30
N CYS D 149 8.20 10.67 28.34
CA CYS D 149 7.40 9.59 27.78
C CYS D 149 8.11 8.24 27.68
N ALA D 150 7.32 7.18 27.57
CA ALA D 150 7.88 5.84 27.54
C ALA D 150 7.10 4.99 26.56
N VAL D 151 7.81 4.09 25.90
CA VAL D 151 7.15 3.09 25.08
C VAL D 151 7.95 1.79 25.16
N LYS D 152 7.23 0.68 25.27
CA LYS D 152 7.86 -0.61 25.39
C LYS D 152 7.94 -1.33 24.05
N PHE D 153 9.07 -1.96 23.80
CA PHE D 153 9.25 -2.80 22.62
C PHE D 153 9.56 -4.21 23.06
N GLY D 154 8.85 -5.17 22.49
CA GLY D 154 9.12 -6.56 22.78
C GLY D 154 8.38 -7.38 21.77
N SER D 155 8.59 -8.68 21.82
CA SER D 155 7.89 -9.60 20.95
C SER D 155 6.41 -9.52 21.24
N TRP D 156 5.61 -9.59 20.18
CA TRP D 156 4.17 -9.62 20.36
C TRP D 156 3.69 -11.02 20.77
N VAL D 157 4.15 -12.05 20.07
CA VAL D 157 3.73 -13.43 20.33
C VAL D 157 4.64 -14.40 21.13
N TYR D 158 5.85 -14.00 21.51
CA TYR D 158 6.76 -14.95 22.13
C TYR D 158 7.13 -14.52 23.52
N SER D 159 6.89 -15.38 24.51
CA SER D 159 7.19 -15.03 25.90
C SER D 159 8.68 -15.02 26.19
N GLY D 160 9.04 -14.69 27.43
CA GLY D 160 10.42 -14.66 27.84
C GLY D 160 11.08 -16.03 27.81
N PHE D 161 10.28 -17.10 27.66
CA PHE D 161 10.86 -18.45 27.55
C PHE D 161 11.21 -18.79 26.10
N GLU D 162 10.54 -18.13 25.15
CA GLU D 162 10.90 -18.24 23.73
C GLU D 162 11.88 -17.18 23.24
N ILE D 163 11.50 -15.92 23.34
CA ILE D 163 12.42 -14.85 23.02
C ILE D 163 12.87 -14.09 24.27
N ASP D 164 14.17 -14.01 24.46
CA ASP D 164 14.69 -13.18 25.53
C ASP D 164 15.39 -11.98 24.92
N LEU D 165 15.26 -10.85 25.59
CA LEU D 165 15.75 -9.59 25.06
C LEU D 165 16.91 -9.15 25.92
N LYS D 166 17.88 -8.46 25.34
CA LYS D 166 18.93 -7.84 26.13
C LYS D 166 19.40 -6.57 25.45
N THR D 167 20.01 -5.70 26.23
CA THR D 167 20.63 -4.51 25.69
C THR D 167 22.13 -4.58 25.96
N ASP D 168 22.91 -3.87 25.15
CA ASP D 168 24.33 -3.68 25.43
C ASP D 168 24.55 -2.59 26.45
N THR D 169 23.73 -1.56 26.38
CA THR D 169 23.87 -0.40 27.24
C THR D 169 22.47 0.15 27.46
N ASP D 170 22.31 0.90 28.54
CA ASP D 170 21.01 1.46 28.90
CA ASP D 170 21.00 1.45 28.86
C ASP D 170 20.87 2.89 28.37
N GLN D 171 21.90 3.36 27.68
CA GLN D 171 21.87 4.66 27.05
C GLN D 171 21.40 4.50 25.61
N VAL D 172 20.28 5.13 25.28
CA VAL D 172 19.89 5.24 23.90
C VAL D 172 20.98 6.04 23.19
N ASP D 173 21.35 5.65 21.99
CA ASP D 173 22.44 6.31 21.32
C ASP D 173 21.92 7.61 20.71
N LEU D 174 22.47 8.73 21.19
CA LEU D 174 22.10 10.07 20.74
C LEU D 174 23.04 10.76 19.74
N SER D 175 24.09 10.07 19.32
CA SER D 175 25.13 10.72 18.50
C SER D 175 24.63 11.14 17.11
N SER D 176 23.55 10.53 16.64
CA SER D 176 22.87 10.93 15.40
C SER D 176 21.64 11.84 15.58
N TYR D 177 21.34 12.27 16.79
CA TYR D 177 20.09 13.01 17.03
C TYR D 177 20.12 14.37 16.31
N TYR D 178 19.00 14.76 15.69
CA TYR D 178 19.03 15.94 14.81
C TYR D 178 19.20 17.22 15.63
N ALA D 179 20.27 17.96 15.36
CA ALA D 179 20.68 19.06 16.24
C ALA D 179 19.70 20.23 16.17
N SER D 180 19.01 20.32 15.05
CA SER D 180 18.03 21.38 14.77
C SER D 180 16.58 21.01 15.04
N SER D 181 16.38 19.86 15.67
CA SER D 181 15.03 19.40 16.00
C SER D 181 14.24 20.43 16.82
N LYS D 182 12.93 20.43 16.63
CA LYS D 182 12.04 21.21 17.49
C LYS D 182 12.18 20.83 18.97
N TYR D 183 12.66 19.63 19.26
CA TYR D 183 12.78 19.17 20.64
C TYR D 183 14.21 18.72 20.96
N GLU D 184 14.71 19.09 22.13
CA GLU D 184 16.01 18.59 22.58
C GLU D 184 15.82 17.48 23.59
N ILE D 185 16.73 16.53 23.58
CA ILE D 185 16.69 15.42 24.51
C ILE D 185 17.41 15.77 25.82
N LEU D 186 16.66 15.71 26.92
CA LEU D 186 17.24 15.80 28.26
C LEU D 186 17.84 14.45 28.67
N SER D 187 17.21 13.37 28.24
CA SER D 187 17.85 12.05 28.30
C SER D 187 16.97 10.98 27.70
N ALA D 188 17.60 9.87 27.32
CA ALA D 188 16.90 8.74 26.73
C ALA D 188 17.56 7.45 27.18
N THR D 189 16.79 6.55 27.77
CA THR D 189 17.35 5.29 28.25
C THR D 189 16.57 4.11 27.72
N GLN D 190 17.25 2.98 27.65
CA GLN D 190 16.62 1.75 27.20
C GLN D 190 16.87 0.66 28.24
N THR D 191 15.79 0.12 28.79
CA THR D 191 15.90 -0.77 29.93
C THR D 191 15.07 -2.01 29.74
N ARG D 192 15.70 -3.16 29.92
CA ARG D 192 15.00 -4.44 29.86
C ARG D 192 14.06 -4.57 31.04
N GLN D 193 12.87 -5.10 30.80
CA GLN D 193 11.87 -5.32 31.83
C GLN D 193 11.25 -6.69 31.68
N VAL D 194 10.65 -7.18 32.77
CA VAL D 194 9.88 -8.41 32.74
C VAL D 194 8.47 -8.11 33.23
N GLN D 195 7.47 -8.46 32.43
CA GLN D 195 6.09 -8.20 32.83
C GLN D 195 5.17 -9.36 32.49
N HIS D 196 4.15 -9.54 33.34
CA HIS D 196 3.08 -10.46 33.05
C HIS D 196 1.88 -9.71 32.47
N TYR D 197 1.20 -10.35 31.52
CA TYR D 197 0.02 -9.75 30.90
C TYR D 197 -1.17 -10.69 31.05
N SER D 198 -2.38 -10.14 31.07
CA SER D 198 -3.56 -10.93 31.38
C SER D 198 -3.79 -12.09 30.41
N CYS D 199 -3.51 -11.87 29.13
CA CYS D 199 -3.73 -12.90 28.13
C CYS D 199 -2.87 -14.15 28.32
N CYS D 200 -1.61 -13.95 28.70
CA CYS D 200 -0.66 -15.06 28.83
C CYS D 200 -0.07 -15.23 30.22
N PRO D 201 -0.04 -16.46 30.71
CA PRO D 201 0.55 -16.77 32.02
C PRO D 201 2.06 -16.54 32.06
N GLU D 202 2.77 -16.92 31.00
CA GLU D 202 4.21 -16.70 30.93
C GLU D 202 4.56 -15.21 30.87
N PRO D 203 5.64 -14.83 31.56
CA PRO D 203 6.21 -13.47 31.49
C PRO D 203 6.70 -13.13 30.09
N TYR D 204 6.49 -11.88 29.66
CA TYR D 204 7.04 -11.37 28.41
C TYR D 204 8.13 -10.35 28.72
N ILE D 205 9.10 -10.22 27.82
CA ILE D 205 10.19 -9.27 28.02
C ILE D 205 10.01 -8.10 27.08
N ASP D 206 10.33 -6.91 27.56
CA ASP D 206 10.33 -5.74 26.70
C ASP D 206 11.54 -4.93 27.02
N VAL D 207 11.86 -4.01 26.12
CA VAL D 207 12.84 -2.99 26.41
C VAL D 207 12.13 -1.66 26.40
N ASN D 208 12.21 -0.99 27.54
CA ASN D 208 11.48 0.23 27.79
C ASN D 208 12.30 1.42 27.36
N LEU D 209 11.79 2.14 26.38
CA LEU D 209 12.44 3.35 25.91
C LEU D 209 11.77 4.51 26.63
N VAL D 210 12.56 5.18 27.46
CA VAL D 210 12.07 6.32 28.23
C VAL D 210 12.78 7.58 27.76
N VAL D 211 11.99 8.57 27.32
CA VAL D 211 12.59 9.77 26.75
C VAL D 211 12.09 11.03 27.43
N LYS D 212 13.03 11.85 27.90
CA LYS D 212 12.71 13.11 28.53
C LYS D 212 13.17 14.20 27.59
N PHE D 213 12.26 15.11 27.24
CA PHE D 213 12.56 16.08 26.20
C PHE D 213 11.81 17.38 26.41
N ARG D 214 12.29 18.44 25.78
CA ARG D 214 11.60 19.72 25.82
C ARG D 214 11.81 20.51 24.53
N GLU D 215 10.99 21.53 24.30
CA GLU D 215 11.17 22.39 23.14
C GLU D 215 12.53 23.05 23.18
N ARG D 216 13.20 23.12 22.03
CA ARG D 216 14.52 23.73 21.93
C ARG D 216 14.44 25.24 22.12
N ASP E 7 11.97 -7.81 -40.57
CA ASP E 7 13.04 -7.40 -39.65
C ASP E 7 12.55 -6.98 -38.26
N LYS E 8 11.44 -6.25 -38.17
CA LYS E 8 10.90 -5.83 -36.86
C LYS E 8 10.79 -7.02 -35.87
N LEU E 9 10.30 -8.17 -36.34
CA LEU E 9 10.27 -9.36 -35.49
C LEU E 9 11.69 -9.74 -35.11
N HIS E 10 12.62 -9.56 -36.04
CA HIS E 10 14.02 -9.92 -35.79
C HIS E 10 14.69 -9.03 -34.76
N SER E 11 14.48 -7.73 -34.86
CA SER E 11 14.94 -6.82 -33.82
C SER E 11 14.30 -7.24 -32.49
N GLN E 12 12.98 -7.45 -32.52
CA GLN E 12 12.25 -7.88 -31.34
C GLN E 12 12.77 -9.21 -30.81
N ALA E 13 13.04 -10.14 -31.72
CA ALA E 13 13.46 -11.48 -31.35
C ALA E 13 14.84 -11.43 -30.69
N ASN E 14 15.73 -10.63 -31.28
CA ASN E 14 17.06 -10.43 -30.74
C ASN E 14 17.05 -9.86 -29.33
N LEU E 15 16.20 -8.85 -29.11
CA LEU E 15 16.07 -8.22 -27.81
C LEU E 15 15.53 -9.20 -26.75
N MET E 16 14.56 -10.02 -27.12
CA MET E 16 14.02 -11.00 -26.18
C MET E 16 15.09 -12.05 -25.85
N ARG E 17 15.83 -12.50 -26.87
CA ARG E 17 16.93 -13.44 -26.67
C ARG E 17 17.98 -12.85 -25.73
N LEU E 18 18.39 -11.61 -26.02
CA LEU E 18 19.37 -10.90 -25.21
C LEU E 18 18.97 -10.86 -23.73
N LYS E 19 17.71 -10.52 -23.47
CA LYS E 19 17.26 -10.36 -22.10
C LYS E 19 17.20 -11.73 -21.43
N SER E 20 16.78 -12.74 -22.18
CA SER E 20 16.75 -14.10 -21.67
C SER E 20 18.17 -14.60 -21.37
N ASP E 21 19.12 -14.35 -22.28
CA ASP E 21 20.51 -14.74 -22.03
C ASP E 21 21.08 -14.11 -20.76
N LEU E 22 20.92 -12.80 -20.66
CA LEU E 22 21.38 -12.03 -19.50
C LEU E 22 20.76 -12.49 -18.16
N PHE E 23 19.45 -12.63 -18.13
CA PHE E 23 18.76 -12.81 -16.85
C PHE E 23 18.65 -14.28 -16.42
N ASN E 24 18.97 -15.20 -17.32
CA ASN E 24 18.99 -16.62 -17.00
C ASN E 24 20.41 -17.10 -16.77
N ARG E 25 21.38 -16.23 -17.03
CA ARG E 25 22.79 -16.53 -16.84
C ARG E 25 23.16 -16.77 -15.37
N SER E 26 24.11 -17.68 -15.15
CA SER E 26 24.79 -17.77 -13.87
C SER E 26 25.08 -16.39 -13.29
N MET E 28 23.61 -15.52 -10.43
CA MET E 28 22.89 -14.29 -10.71
C MET E 28 23.54 -13.37 -9.66
N TYR E 29 24.17 -12.30 -10.14
CA TYR E 29 24.83 -11.34 -9.27
C TYR E 29 24.10 -11.27 -7.94
N PRO E 30 24.78 -11.66 -6.87
CA PRO E 30 24.21 -11.64 -5.52
C PRO E 30 24.37 -10.26 -4.87
N GLY E 31 24.92 -9.32 -5.62
CA GLY E 31 25.13 -7.97 -5.13
C GLY E 31 26.61 -7.80 -4.85
N PRO E 32 27.05 -6.56 -4.57
CA PRO E 32 28.49 -6.35 -4.41
C PRO E 32 29.04 -6.96 -3.13
N THR E 33 30.30 -7.37 -3.19
CA THR E 33 31.02 -7.85 -2.01
C THR E 33 32.33 -7.09 -1.94
N LYS E 34 33.10 -7.32 -0.87
CA LYS E 34 34.43 -6.74 -0.75
C LYS E 34 35.36 -7.23 -1.85
N ASP E 35 35.21 -8.49 -2.21
CA ASP E 35 35.99 -9.10 -3.31
C ASP E 35 35.69 -8.40 -4.62
N ASP E 36 34.46 -7.90 -4.73
CA ASP E 36 33.96 -7.33 -5.98
C ASP E 36 33.16 -6.08 -5.70
N PRO E 37 33.84 -5.00 -5.26
CA PRO E 37 33.10 -3.80 -4.87
C PRO E 37 32.49 -3.08 -6.07
N LEU E 38 31.74 -2.02 -5.79
CA LEU E 38 30.93 -1.36 -6.81
C LEU E 38 30.94 0.12 -6.57
N THR E 39 31.10 0.89 -7.65
CA THR E 39 30.98 2.32 -7.53
C THR E 39 29.67 2.77 -8.17
N VAL E 40 28.87 3.47 -7.37
CA VAL E 40 27.61 4.00 -7.85
C VAL E 40 27.79 5.50 -7.99
N THR E 41 27.47 6.02 -9.17
CA THR E 41 27.54 7.47 -9.41
C THR E 41 26.17 8.09 -9.18
N LEU E 42 26.13 9.14 -8.37
CA LEU E 42 24.84 9.74 -8.00
C LEU E 42 24.75 11.21 -8.33
N GLY E 43 23.64 11.63 -8.93
CA GLY E 43 23.41 13.05 -9.11
C GLY E 43 21.94 13.41 -8.96
N PHE E 44 21.71 14.64 -8.51
CA PHE E 44 20.39 15.07 -8.12
C PHE E 44 19.91 16.22 -8.98
N THR E 45 18.64 16.17 -9.36
CA THR E 45 18.02 17.28 -10.07
C THR E 45 16.82 17.77 -9.29
N LEU E 46 16.92 18.95 -8.70
CA LEU E 46 15.89 19.41 -7.81
C LEU E 46 14.74 20.03 -8.60
N GLN E 47 13.56 19.45 -8.45
CA GLN E 47 12.36 20.03 -9.06
C GLN E 47 11.63 21.09 -8.25
N ASP E 48 11.38 20.82 -6.98
CA ASP E 48 10.58 21.71 -6.17
C ASP E 48 10.89 21.55 -4.67
N ILE E 49 10.81 22.64 -3.92
CA ILE E 49 10.65 22.52 -2.47
C ILE E 49 9.18 22.80 -2.27
N VAL E 50 8.45 21.76 -1.93
CA VAL E 50 7.00 21.85 -1.92
C VAL E 50 6.56 22.60 -0.67
N LYS E 51 7.16 22.22 0.45
CA LYS E 51 6.67 22.62 1.76
C LYS E 51 7.79 22.70 2.77
N ALA E 52 7.71 23.69 3.65
CA ALA E 52 8.62 23.80 4.79
C ALA E 52 7.75 23.94 6.02
N ASP E 53 7.81 22.94 6.91
CA ASP E 53 6.96 22.94 8.09
C ASP E 53 7.78 23.35 9.30
N SER E 54 7.51 24.53 9.83
CA SER E 54 8.31 25.08 10.93
C SER E 54 7.79 24.57 12.27
N SER E 55 6.60 23.98 12.27
CA SER E 55 6.09 23.42 13.50
C SER E 55 6.74 22.06 13.80
N THR E 56 6.99 21.25 12.77
CA THR E 56 7.72 19.98 12.93
C THR E 56 9.20 19.96 12.51
N ASN E 57 9.68 21.07 11.95
CA ASN E 57 10.97 21.05 11.26
C ASN E 57 11.16 19.91 10.25
N GLU E 58 10.20 19.80 9.33
CA GLU E 58 10.32 18.92 8.17
C GLU E 58 10.27 19.75 6.91
N VAL E 59 10.98 19.30 5.89
CA VAL E 59 10.88 19.93 4.58
C VAL E 59 10.61 18.87 3.53
N ASP E 60 9.73 19.19 2.57
CA ASP E 60 9.34 18.25 1.52
C ASP E 60 9.92 18.67 0.18
N LEU E 61 10.68 17.77 -0.41
CA LEU E 61 11.41 18.03 -1.65
C LEU E 61 10.92 17.09 -2.73
N VAL E 62 10.77 17.61 -3.95
CA VAL E 62 10.60 16.76 -5.13
C VAL E 62 11.87 16.86 -5.97
N TYR E 63 12.39 15.71 -6.40
CA TYR E 63 13.69 15.65 -7.11
C TYR E 63 13.84 14.36 -7.92
N TYR E 64 14.77 14.37 -8.87
CA TYR E 64 15.13 13.18 -9.65
C TYR E 64 16.50 12.74 -9.17
N GLU E 65 16.67 11.45 -8.94
CA GLU E 65 17.95 10.95 -8.48
C GLU E 65 18.54 10.10 -9.58
N GLN E 66 19.60 10.57 -10.23
CA GLN E 66 20.22 9.77 -11.28
C GLN E 66 21.28 8.80 -10.74
N GLN E 67 21.10 7.52 -11.04
CA GLN E 67 22.01 6.50 -10.53
C GLN E 67 22.67 5.74 -11.67
N ARG E 68 23.98 5.54 -11.56
CA ARG E 68 24.75 4.85 -12.57
C ARG E 68 25.70 3.90 -11.88
N TRP E 69 25.70 2.65 -12.34
CA TRP E 69 26.72 1.72 -11.97
C TRP E 69 26.96 0.79 -13.16
N LYS E 70 27.93 -0.12 -13.02
CA LYS E 70 28.28 -1.00 -14.11
C LYS E 70 28.59 -2.41 -13.61
N LEU E 71 27.92 -3.40 -14.19
CA LEU E 71 28.16 -4.81 -13.87
C LEU E 71 28.71 -5.59 -15.08
N ASN E 72 29.82 -6.29 -14.88
CA ASN E 72 30.34 -7.22 -15.89
C ASN E 72 29.33 -8.28 -16.31
N SER E 73 28.50 -8.71 -15.37
CA SER E 73 27.51 -9.75 -15.64
C SER E 73 26.39 -9.24 -16.55
N LEU E 74 26.33 -7.92 -16.75
CA LEU E 74 25.36 -7.31 -17.67
C LEU E 74 25.90 -7.01 -19.08
N MET E 75 27.14 -7.40 -19.36
CA MET E 75 27.78 -7.10 -20.65
C MET E 75 27.32 -8.03 -21.78
N TRP E 76 27.34 -7.50 -23.01
CA TRP E 76 27.09 -8.34 -24.19
C TRP E 76 27.73 -7.71 -25.41
N ASP E 77 27.93 -8.54 -26.44
CA ASP E 77 28.44 -8.08 -27.73
C ASP E 77 27.25 -7.81 -28.65
N PRO E 78 27.06 -6.54 -29.05
CA PRO E 78 26.00 -6.15 -29.98
C PRO E 78 25.94 -7.01 -31.24
N ASN E 79 27.10 -7.47 -31.71
CA ASN E 79 27.14 -8.27 -32.93
C ASN E 79 26.35 -9.59 -32.86
N GLU E 80 26.36 -10.23 -31.71
CA GLU E 80 25.64 -11.49 -31.51
C GLU E 80 24.14 -11.25 -31.38
N TYR E 81 23.75 -9.96 -31.35
CA TYR E 81 22.40 -9.57 -31.00
C TYR E 81 21.90 -8.44 -31.88
N GLY E 82 22.50 -8.30 -33.07
CA GLY E 82 21.91 -7.50 -34.13
C GLY E 82 22.18 -6.03 -33.91
N ASN E 83 23.33 -5.75 -33.30
CA ASN E 83 23.74 -4.39 -32.98
C ASN E 83 22.86 -3.67 -31.97
N ILE E 84 22.20 -4.42 -31.10
CA ILE E 84 21.44 -3.79 -30.04
C ILE E 84 22.49 -3.31 -29.06
N THR E 85 22.54 -2.00 -28.86
CA THR E 85 23.45 -1.33 -27.93
C THR E 85 22.96 -1.26 -26.50
N ASP E 86 21.65 -1.12 -26.33
CA ASP E 86 21.03 -0.86 -25.02
C ASP E 86 19.56 -1.26 -25.06
N PHE E 87 18.95 -1.40 -23.89
CA PHE E 87 17.52 -1.71 -23.81
C PHE E 87 16.93 -1.18 -22.50
N ARG E 88 15.60 -1.00 -22.48
CA ARG E 88 14.91 -0.61 -21.26
C ARG E 88 14.47 -1.88 -20.59
N THR E 89 14.56 -1.93 -19.27
CA THR E 89 14.04 -3.09 -18.58
C THR E 89 13.46 -2.66 -17.23
N SER E 90 12.48 -3.42 -16.75
CA SER E 90 11.93 -3.18 -15.43
C SER E 90 13.07 -3.22 -14.40
N ALA E 91 13.03 -2.30 -13.45
CA ALA E 91 14.06 -2.21 -12.44
C ALA E 91 14.08 -3.48 -11.58
N ALA E 92 12.94 -4.15 -11.49
CA ALA E 92 12.86 -5.40 -10.73
C ALA E 92 13.59 -6.57 -11.41
N ASP E 93 13.97 -6.40 -12.67
CA ASP E 93 14.66 -7.47 -13.40
C ASP E 93 16.17 -7.48 -13.11
N ILE E 94 16.63 -6.47 -12.39
CA ILE E 94 18.05 -6.34 -12.14
C ILE E 94 18.30 -5.93 -10.71
N TRP E 95 19.56 -6.08 -10.31
CA TRP E 95 19.99 -5.59 -9.04
C TRP E 95 20.02 -4.06 -9.06
N THR E 96 19.48 -3.42 -8.02
CA THR E 96 19.59 -1.98 -7.92
C THR E 96 20.15 -1.60 -6.56
N PRO E 97 20.89 -0.50 -6.50
CA PRO E 97 21.44 -0.07 -5.21
C PRO E 97 20.38 0.46 -4.22
N ASP E 98 20.72 0.31 -2.95
CA ASP E 98 19.88 0.57 -1.79
C ASP E 98 19.94 2.03 -1.32
N ILE E 99 20.38 2.94 -2.20
CA ILE E 99 20.54 4.33 -1.80
C ILE E 99 19.31 4.85 -1.05
N THR E 100 19.60 5.43 0.11
CA THR E 100 18.59 5.73 1.12
C THR E 100 18.92 7.11 1.66
N ALA E 101 17.90 7.92 1.90
CA ALA E 101 18.14 9.19 2.58
C ALA E 101 18.30 8.92 4.07
N TYR E 102 19.32 9.52 4.71
CA TYR E 102 19.67 9.19 6.09
C TYR E 102 18.81 9.88 7.16
N SER E 103 18.35 11.07 6.81
CA SER E 103 17.46 11.90 7.63
C SER E 103 15.95 11.93 7.31
N SER E 104 15.46 11.09 6.40
CA SER E 104 14.02 11.11 6.07
C SER E 104 13.11 10.96 7.30
N THR E 105 12.00 11.68 7.32
CA THR E 105 10.97 11.48 8.35
C THR E 105 9.75 10.66 7.89
N ARG E 106 9.72 10.30 6.61
CA ARG E 106 8.61 9.53 6.04
CA ARG E 106 8.61 9.55 6.01
C ARG E 106 9.15 8.64 4.94
N PRO E 107 8.41 7.54 4.63
CA PRO E 107 8.91 6.74 3.50
C PRO E 107 8.85 7.58 2.25
N VAL E 108 9.85 7.47 1.37
CA VAL E 108 9.86 8.27 0.16
C VAL E 108 8.73 7.78 -0.72
N GLN E 109 8.16 8.70 -1.49
CA GLN E 109 7.12 8.35 -2.44
C GLN E 109 7.67 8.47 -3.86
N VAL E 110 7.56 7.38 -4.61
CA VAL E 110 8.12 7.27 -5.95
C VAL E 110 7.15 7.88 -6.97
N LEU E 111 7.63 8.87 -7.73
CA LEU E 111 6.81 9.56 -8.74
C LEU E 111 7.01 9.09 -10.20
N SER E 112 7.93 8.15 -10.42
CA SER E 112 8.25 7.72 -11.78
C SER E 112 8.26 6.19 -11.92
N PRO E 113 8.09 5.69 -13.14
CA PRO E 113 8.02 4.23 -13.34
C PRO E 113 9.37 3.64 -12.94
N GLN E 114 9.44 2.38 -12.53
CA GLN E 114 10.77 1.90 -12.21
C GLN E 114 11.22 1.10 -13.39
N ILE E 115 12.05 1.74 -14.20
CA ILE E 115 12.58 1.17 -15.41
C ILE E 115 13.94 1.79 -15.54
N ALA E 116 14.91 0.98 -15.94
CA ALA E 116 16.29 1.42 -16.03
C ALA E 116 16.76 1.21 -17.45
N VAL E 117 17.88 1.82 -17.82
CA VAL E 117 18.47 1.52 -19.10
C VAL E 117 19.77 0.75 -18.91
N VAL E 118 19.91 -0.36 -19.63
CA VAL E 118 21.13 -1.16 -19.60
C VAL E 118 21.84 -1.06 -20.94
N THR E 119 23.13 -0.77 -20.91
CA THR E 119 23.93 -0.61 -22.13
C THR E 119 25.01 -1.70 -22.20
N HIS E 120 25.45 -2.01 -23.42
CA HIS E 120 26.19 -3.24 -23.70
C HIS E 120 27.52 -3.35 -22.96
N ASP E 121 28.01 -2.25 -22.40
CA ASP E 121 29.24 -2.28 -21.63
C ASP E 121 28.99 -2.74 -20.20
N GLY E 122 27.72 -3.02 -19.88
CA GLY E 122 27.34 -3.46 -18.56
C GLY E 122 26.82 -2.34 -17.67
N SER E 123 26.80 -1.11 -18.20
CA SER E 123 26.32 0.09 -17.49
C SER E 123 24.82 0.11 -17.31
N VAL E 124 24.37 0.52 -16.13
CA VAL E 124 22.95 0.74 -15.88
C VAL E 124 22.73 2.20 -15.52
N MET E 125 21.62 2.75 -15.99
CA MET E 125 21.27 4.12 -15.68
C MET E 125 19.82 4.06 -15.16
N PHE E 126 19.60 4.55 -13.94
CA PHE E 126 18.29 4.49 -13.29
C PHE E 126 18.02 5.84 -12.64
N ILE E 127 16.92 6.50 -13.02
CA ILE E 127 16.59 7.86 -12.57
C ILE E 127 15.23 7.92 -11.93
N PRO E 128 15.11 7.45 -10.65
CA PRO E 128 13.83 7.55 -9.93
C PRO E 128 13.52 8.97 -9.49
N ALA E 129 12.29 9.42 -9.72
CA ALA E 129 11.78 10.69 -9.20
C ALA E 129 11.11 10.42 -7.88
N GLN E 130 11.31 11.30 -6.91
CA GLN E 130 10.89 11.03 -5.53
C GLN E 130 10.34 12.28 -4.86
N ARG E 131 9.37 12.08 -3.97
CA ARG E 131 9.03 13.10 -2.99
C ARG E 131 9.56 12.68 -1.62
N LEU E 132 10.36 13.55 -1.03
CA LEU E 132 11.03 13.27 0.23
C LEU E 132 10.71 14.30 1.33
N SER E 133 10.27 13.81 2.49
CA SER E 133 10.23 14.59 3.71
C SER E 133 11.47 14.27 4.53
N PHE E 134 12.23 15.30 4.91
CA PHE E 134 13.46 15.11 5.67
C PHE E 134 13.62 16.17 6.75
N MET E 135 14.57 15.96 7.64
CA MET E 135 14.73 16.83 8.81
C MET E 135 15.42 18.12 8.40
N CYS E 136 14.70 19.22 8.55
CA CYS E 136 15.29 20.51 8.21
C CYS E 136 14.61 21.57 9.05
N ASP E 137 15.39 22.51 9.55
CA ASP E 137 14.84 23.62 10.28
C ASP E 137 14.76 24.80 9.31
N PRO E 138 13.55 25.21 8.95
CA PRO E 138 13.21 26.28 8.02
C PRO E 138 13.61 27.68 8.54
N THR E 139 13.97 27.79 9.81
CA THR E 139 14.23 29.09 10.42
C THR E 139 15.19 29.91 9.55
N GLY E 140 14.79 31.15 9.25
CA GLY E 140 15.56 32.01 8.39
C GLY E 140 15.06 32.07 6.95
N VAL E 141 14.12 31.20 6.63
CA VAL E 141 13.66 31.07 5.24
C VAL E 141 13.03 32.38 4.76
N ASP E 142 12.47 33.12 5.71
CA ASP E 142 11.76 34.35 5.42
C ASP E 142 12.67 35.59 5.44
N SER E 143 13.98 35.38 5.53
CA SER E 143 14.93 36.49 5.50
C SER E 143 15.72 36.45 4.21
N GLU E 144 16.64 37.39 4.04
CA GLU E 144 17.44 37.47 2.80
C GLU E 144 18.44 36.33 2.77
N GLU E 145 18.96 35.97 3.94
CA GLU E 145 19.84 34.83 4.04
C GLU E 145 19.14 33.50 3.74
N GLY E 146 17.87 33.40 4.12
CA GLY E 146 17.13 32.16 3.94
C GLY E 146 17.63 31.05 4.85
N ALA E 147 17.20 29.84 4.57
CA ALA E 147 17.52 28.69 5.41
C ALA E 147 18.49 27.75 4.68
N THR E 148 19.27 27.01 5.44
CA THR E 148 20.14 26.00 4.87
C THR E 148 19.81 24.63 5.46
N CYS E 149 19.58 23.66 4.59
CA CYS E 149 19.36 22.30 5.06
C CYS E 149 20.20 21.29 4.31
N ALA E 150 20.32 20.09 4.87
CA ALA E 150 21.24 19.09 4.33
C ALA E 150 20.65 17.75 4.58
N VAL E 151 20.84 16.84 3.63
CA VAL E 151 20.49 15.44 3.83
C VAL E 151 21.50 14.57 3.08
N LYS E 152 21.89 13.47 3.71
CA LYS E 152 22.85 12.53 3.13
C LYS E 152 22.14 11.37 2.45
N PHE E 153 22.63 10.96 1.29
CA PHE E 153 22.13 9.76 0.63
C PHE E 153 23.25 8.76 0.50
N GLY E 154 23.00 7.52 0.90
CA GLY E 154 23.99 6.47 0.79
C GLY E 154 23.36 5.10 0.93
N SER E 155 24.18 4.07 0.77
CA SER E 155 23.70 2.72 1.00
C SER E 155 23.34 2.55 2.46
N TRP E 156 22.23 1.88 2.73
CA TRP E 156 21.89 1.59 4.12
C TRP E 156 22.76 0.44 4.66
N VAL E 157 22.80 -0.65 3.90
CA VAL E 157 23.48 -1.87 4.34
C VAL E 157 24.87 -2.18 3.81
N TYR E 158 25.39 -1.35 2.89
CA TYR E 158 26.69 -1.63 2.31
C TYR E 158 27.72 -0.61 2.71
N SER E 159 28.81 -1.07 3.31
CA SER E 159 29.94 -0.22 3.64
C SER E 159 30.68 0.18 2.37
N GLY E 160 31.52 1.20 2.46
CA GLY E 160 32.37 1.61 1.36
C GLY E 160 33.29 0.56 0.75
N PHE E 161 33.51 -0.56 1.45
CA PHE E 161 34.30 -1.67 0.87
C PHE E 161 33.47 -2.46 -0.14
N GLU E 162 32.17 -2.23 -0.14
CA GLU E 162 31.26 -2.91 -1.05
C GLU E 162 30.65 -1.94 -2.06
N ILE E 163 30.05 -0.87 -1.56
CA ILE E 163 29.63 0.24 -2.41
C ILE E 163 30.37 1.54 -2.12
N ASP E 164 30.95 2.12 -3.16
CA ASP E 164 31.54 3.44 -3.08
C ASP E 164 30.68 4.34 -3.93
N LEU E 165 30.72 5.64 -3.66
CA LEU E 165 29.90 6.59 -4.42
C LEU E 165 30.78 7.61 -5.14
N LYS E 166 30.23 8.23 -6.18
CA LYS E 166 30.81 9.45 -6.71
C LYS E 166 29.76 10.30 -7.39
N THR E 167 30.10 11.57 -7.58
CA THR E 167 29.29 12.52 -8.34
C THR E 167 30.07 12.96 -9.59
N ASP E 168 29.34 13.36 -10.63
CA ASP E 168 29.94 14.01 -11.80
C ASP E 168 30.21 15.49 -11.57
N THR E 169 29.42 16.10 -10.70
CA THR E 169 29.57 17.51 -10.37
C THR E 169 29.17 17.82 -8.93
N ASP E 170 29.76 18.85 -8.37
CA ASP E 170 29.43 19.31 -7.03
C ASP E 170 28.13 20.10 -7.12
N GLN E 171 27.70 20.37 -8.34
CA GLN E 171 26.57 21.25 -8.56
C GLN E 171 25.31 20.43 -8.86
N VAL E 172 24.31 20.60 -8.00
CA VAL E 172 23.01 19.99 -8.23
C VAL E 172 22.44 20.59 -9.50
N ASP E 173 21.72 19.79 -10.27
CA ASP E 173 21.13 20.31 -11.48
C ASP E 173 19.86 21.08 -11.07
N LEU E 174 19.88 22.38 -11.33
CA LEU E 174 18.76 23.29 -11.09
C LEU E 174 17.90 23.65 -12.32
N SER E 175 18.18 23.02 -13.46
CA SER E 175 17.54 23.42 -14.72
C SER E 175 16.06 23.07 -14.79
N SER E 176 15.64 22.08 -14.00
CA SER E 176 14.21 21.75 -13.90
C SER E 176 13.52 22.33 -12.69
N TYR E 177 14.23 23.13 -11.88
CA TYR E 177 13.57 23.67 -10.70
C TYR E 177 12.40 24.57 -11.07
N TYR E 178 11.28 24.35 -10.42
CA TYR E 178 10.01 24.94 -10.81
C TYR E 178 10.03 26.45 -10.60
N ALA E 179 9.78 27.21 -11.67
CA ALA E 179 9.94 28.67 -11.63
C ALA E 179 9.01 29.32 -10.61
N SER E 180 7.84 28.73 -10.42
CA SER E 180 6.79 29.28 -9.57
C SER E 180 6.73 28.77 -8.13
N SER E 181 7.76 28.02 -7.71
CA SER E 181 7.81 27.46 -6.35
C SER E 181 7.66 28.51 -5.23
N LYS E 182 7.07 28.10 -4.12
CA LYS E 182 7.00 28.97 -2.94
C LYS E 182 8.40 29.35 -2.47
N TYR E 183 9.39 28.57 -2.90
CA TYR E 183 10.78 28.79 -2.46
C TYR E 183 11.78 28.90 -3.62
N GLU E 184 12.66 29.89 -3.55
CA GLU E 184 13.76 29.96 -4.50
C GLU E 184 15.04 29.37 -3.93
N ILE E 185 15.80 28.72 -4.81
CA ILE E 185 17.07 28.12 -4.45
C ILE E 185 18.23 29.10 -4.60
N LEU E 186 18.89 29.41 -3.50
CA LEU E 186 20.10 30.21 -3.54
C LEU E 186 21.31 29.38 -3.96
N SER E 187 21.45 28.19 -3.38
CA SER E 187 22.51 27.28 -3.77
C SER E 187 22.10 25.83 -3.49
N ALA E 188 22.56 24.91 -4.33
CA ALA E 188 22.44 23.47 -4.06
C ALA E 188 23.70 22.69 -4.44
N THR E 189 24.31 22.02 -3.47
CA THR E 189 25.50 21.21 -3.76
C THR E 189 25.32 19.75 -3.43
N GLN E 190 26.14 18.92 -4.06
CA GLN E 190 26.16 17.48 -3.81
C GLN E 190 27.59 17.03 -3.65
N THR E 191 27.94 16.55 -2.47
CA THR E 191 29.33 16.26 -2.17
C THR E 191 29.50 14.90 -1.49
N ARG E 192 30.41 14.10 -2.03
CA ARG E 192 30.76 12.81 -1.46
C ARG E 192 31.36 13.00 -0.08
N GLN E 193 30.94 12.17 0.86
CA GLN E 193 31.52 12.18 2.20
C GLN E 193 31.84 10.76 2.62
N VAL E 194 32.78 10.65 3.56
CA VAL E 194 33.11 9.40 4.20
C VAL E 194 32.73 9.53 5.66
N GLN E 195 32.14 8.49 6.23
CA GLN E 195 31.61 8.61 7.58
C GLN E 195 31.65 7.30 8.35
N HIS E 196 31.85 7.40 9.67
CA HIS E 196 31.74 6.25 10.54
C HIS E 196 30.47 6.32 11.38
N TYR E 197 29.91 5.17 11.68
CA TYR E 197 28.70 5.08 12.49
C TYR E 197 28.89 4.07 13.61
N SER E 198 28.20 4.27 14.72
CA SER E 198 28.39 3.45 15.91
C SER E 198 28.31 1.95 15.61
N CYS E 199 27.45 1.58 14.68
CA CYS E 199 27.13 0.18 14.39
C CYS E 199 28.29 -0.64 13.85
N CYS E 200 29.22 0.01 13.13
CA CYS E 200 30.12 -0.74 12.27
C CYS E 200 31.53 -0.15 12.23
N PRO E 201 32.55 -1.02 12.13
CA PRO E 201 33.94 -0.56 11.97
C PRO E 201 34.16 0.09 10.60
N GLU E 202 33.50 -0.46 9.58
CA GLU E 202 33.71 0.00 8.21
C GLU E 202 33.10 1.39 8.01
N PRO E 203 33.78 2.23 7.21
CA PRO E 203 33.23 3.54 6.82
C PRO E 203 32.07 3.41 5.82
N TYR E 204 31.09 4.31 5.89
CA TYR E 204 30.01 4.35 4.91
C TYR E 204 30.10 5.63 4.09
N ILE E 205 29.79 5.52 2.80
CA ILE E 205 29.91 6.65 1.92
C ILE E 205 28.54 7.25 1.70
N ASP E 206 28.47 8.57 1.69
CA ASP E 206 27.20 9.19 1.37
C ASP E 206 27.47 10.34 0.44
N VAL E 207 26.42 10.79 -0.26
CA VAL E 207 26.50 12.04 -0.97
C VAL E 207 25.62 13.04 -0.23
N ASN E 208 26.24 14.15 0.16
CA ASN E 208 25.56 15.12 1.00
C ASN E 208 24.90 16.19 0.13
N LEU E 209 23.57 16.24 0.16
CA LEU E 209 22.82 17.26 -0.55
C LEU E 209 22.54 18.43 0.38
N VAL E 210 23.14 19.59 0.08
CA VAL E 210 23.01 20.80 0.89
C VAL E 210 22.25 21.87 0.12
N VAL E 211 21.07 22.25 0.63
CA VAL E 211 20.25 23.25 -0.05
C VAL E 211 20.10 24.50 0.81
N LYS E 212 20.26 25.64 0.16
CA LYS E 212 20.10 26.94 0.79
C LYS E 212 18.96 27.61 0.03
N PHE E 213 17.93 28.06 0.76
CA PHE E 213 16.70 28.53 0.11
C PHE E 213 15.94 29.54 0.93
N ARG E 214 15.03 30.27 0.28
CA ARG E 214 14.16 31.23 0.96
C ARG E 214 12.82 31.40 0.23
N GLU E 215 11.84 31.96 0.95
CA GLU E 215 10.56 32.32 0.36
C GLU E 215 10.78 33.28 -0.81
N ARG E 216 10.13 33.02 -1.95
CA ARG E 216 10.23 33.90 -3.12
C ARG E 216 9.85 35.34 -2.79
#